data_2E0C
#
_entry.id   2E0C
#
_cell.length_a   74.880
_cell.length_b   87.720
_cell.length_c   75.720
_cell.angle_alpha   90.00
_cell.angle_beta   91.37
_cell.angle_gamma   90.00
#
_symmetry.space_group_name_H-M   'P 1 21 1'
#
loop_
_entity.id
_entity.type
_entity.pdbx_description
1 polymer '409aa long hypothetical NADP-dependent isocitrate dehydrogenase'
2 water water
#
_entity_poly.entity_id   1
_entity_poly.type   'polypeptide(L)'
_entity_poly.pdbx_seq_one_letter_code
;MLYKEPEDGEKIKFDKGKWIVPNKPVILYIEGDGIGPEITNAAIKVINKAVERAYGSSREIKWLEVYAGEKAEKLVNDRF
PKETQEMLLKYRVVLKGPLETPIGKGWKSVNVAIRLMLDLYANIRPVKYIEGLESPLKHPEKVDMIIFRENTDDLYRGIE
YPFNSEEAKKIRDFLRKELKVEIEDDTGIGIKVMSKYKTQRITRLAIQYAIEHKRKKVTIMHKGNVMKYTEGAFREWAYE
VALKEYRDFIVTEEEINQGKPDQGKIILNDRIADNMFQQIIIRPEEYDIILAPNVNGDYISDAAGALIGNIGMLGGANIG
DEGGMFEAIHGTAPKYAGKNVANPTGIIKAGELMLRWMGWNEAADLIEKAINMAIRDKKVTQDIARFMGVKALGTKEYAD
ELIKIMDTI
;
_entity_poly.pdbx_strand_id   A,B
#
# COMPACT_ATOMS: atom_id res chain seq x y z
N MET A 1 -39.71 26.92 10.64
CA MET A 1 -38.64 25.89 10.52
C MET A 1 -37.27 26.55 10.40
N LEU A 2 -36.26 25.89 10.96
CA LEU A 2 -34.90 26.40 10.93
C LEU A 2 -34.47 26.57 9.46
N TYR A 3 -34.86 25.62 8.63
CA TYR A 3 -34.48 25.67 7.23
C TYR A 3 -35.65 25.99 6.31
N LYS A 4 -35.47 27.01 5.48
CA LYS A 4 -36.50 27.39 4.52
C LYS A 4 -36.21 26.60 3.26
N GLU A 5 -36.95 25.53 3.06
CA GLU A 5 -36.75 24.66 1.90
C GLU A 5 -37.20 25.31 0.59
N PRO A 6 -36.42 25.11 -0.48
CA PRO A 6 -36.79 25.70 -1.77
C PRO A 6 -38.14 25.15 -2.25
N GLU A 7 -39.12 26.03 -2.33
CA GLU A 7 -40.46 25.63 -2.76
C GLU A 7 -40.46 25.34 -4.25
N ASP A 8 -39.37 25.67 -4.93
CA ASP A 8 -39.25 25.46 -6.36
C ASP A 8 -38.50 24.18 -6.74
N GLY A 9 -37.89 23.52 -5.76
CA GLY A 9 -37.14 22.31 -6.07
C GLY A 9 -37.82 20.99 -5.78
N GLU A 10 -37.25 19.91 -6.32
CA GLU A 10 -37.78 18.57 -6.13
C GLU A 10 -36.64 17.69 -5.62
N LYS A 11 -36.96 16.69 -4.82
CA LYS A 11 -35.93 15.82 -4.30
C LYS A 11 -35.50 14.80 -5.34
N ILE A 12 -34.24 14.38 -5.25
CA ILE A 12 -33.72 13.39 -6.16
C ILE A 12 -34.33 12.04 -5.74
N LYS A 13 -34.67 11.21 -6.72
CA LYS A 13 -35.26 9.90 -6.42
C LYS A 13 -34.27 8.78 -6.70
N PHE A 14 -34.61 7.59 -6.22
CA PHE A 14 -33.74 6.43 -6.40
C PHE A 14 -34.52 5.22 -6.84
N ASP A 15 -33.98 4.51 -7.84
CA ASP A 15 -34.61 3.33 -8.39
C ASP A 15 -33.54 2.26 -8.58
N LYS A 16 -33.56 1.23 -7.73
CA LYS A 16 -32.58 0.16 -7.82
C LYS A 16 -31.17 0.73 -7.66
N GLY A 17 -31.05 1.73 -6.80
CA GLY A 17 -29.75 2.35 -6.57
C GLY A 17 -29.29 3.15 -7.78
N LYS A 18 -30.25 3.73 -8.49
CA LYS A 18 -29.97 4.53 -9.68
C LYS A 18 -30.64 5.89 -9.48
N TRP A 19 -29.85 6.96 -9.62
CA TRP A 19 -30.35 8.31 -9.43
C TRP A 19 -31.30 8.86 -10.48
N ILE A 20 -32.50 9.24 -10.04
CA ILE A 20 -33.52 9.82 -10.91
C ILE A 20 -33.52 11.28 -10.51
N VAL A 21 -32.89 12.11 -11.35
CA VAL A 21 -32.73 13.53 -11.06
C VAL A 21 -33.68 14.50 -11.77
N PRO A 22 -34.44 15.29 -10.99
CA PRO A 22 -35.39 16.28 -11.52
C PRO A 22 -34.57 17.41 -12.14
N ASN A 23 -35.24 18.30 -12.87
CA ASN A 23 -34.51 19.40 -13.48
C ASN A 23 -34.16 20.46 -12.45
N LYS A 24 -34.87 20.47 -11.33
CA LYS A 24 -34.62 21.44 -10.26
C LYS A 24 -34.43 20.64 -8.98
N PRO A 25 -33.34 19.85 -8.90
CA PRO A 25 -33.08 19.05 -7.71
C PRO A 25 -32.61 19.86 -6.50
N VAL A 26 -33.09 19.47 -5.34
CA VAL A 26 -32.68 20.12 -4.10
C VAL A 26 -31.42 19.38 -3.66
N ILE A 27 -30.35 20.12 -3.45
CA ILE A 27 -29.09 19.52 -3.01
C ILE A 27 -28.64 20.29 -1.77
N LEU A 28 -28.36 19.54 -0.71
CA LEU A 28 -27.92 20.12 0.54
C LEU A 28 -26.43 20.45 0.50
N TYR A 29 -26.01 21.41 1.31
CA TYR A 29 -24.59 21.72 1.40
C TYR A 29 -24.25 22.18 2.81
N ILE A 30 -23.06 21.79 3.25
CA ILE A 30 -22.54 22.15 4.55
C ILE A 30 -21.25 22.88 4.26
N GLU A 31 -21.18 24.14 4.68
CA GLU A 31 -19.99 24.93 4.43
C GLU A 31 -18.72 24.28 4.95
N GLY A 32 -18.75 23.83 6.20
CA GLY A 32 -17.57 23.22 6.78
C GLY A 32 -16.83 24.25 7.61
N ASP A 33 -15.87 23.78 8.42
CA ASP A 33 -15.06 24.63 9.29
C ASP A 33 -13.86 25.22 8.52
N GLY A 34 -13.14 26.14 9.16
CA GLY A 34 -11.96 26.75 8.54
C GLY A 34 -12.13 27.38 7.17
N ILE A 35 -11.45 26.81 6.17
CA ILE A 35 -11.55 27.32 4.80
C ILE A 35 -12.89 26.96 4.17
N GLY A 36 -13.61 26.02 4.79
CA GLY A 36 -14.90 25.57 4.28
C GLY A 36 -15.78 26.61 3.60
N PRO A 37 -16.20 27.68 4.30
CA PRO A 37 -17.05 28.71 3.71
C PRO A 37 -16.54 29.23 2.38
N GLU A 38 -15.28 29.63 2.34
CA GLU A 38 -14.68 30.15 1.13
C GLU A 38 -14.65 29.17 -0.03
N ILE A 39 -14.24 27.94 0.22
CA ILE A 39 -14.16 26.99 -0.88
C ILE A 39 -15.50 26.40 -1.30
N THR A 40 -16.40 26.19 -0.34
CA THR A 40 -17.70 25.62 -0.68
C THR A 40 -18.55 26.62 -1.47
N ASN A 41 -18.49 27.89 -1.09
CA ASN A 41 -19.27 28.88 -1.82
C ASN A 41 -18.71 29.06 -3.23
N ALA A 42 -17.39 28.93 -3.35
CA ALA A 42 -16.75 29.06 -4.65
C ALA A 42 -17.19 27.88 -5.53
N ALA A 43 -17.25 26.68 -4.95
CA ALA A 43 -17.66 25.49 -5.68
C ALA A 43 -19.09 25.64 -6.19
N ILE A 44 -19.96 26.17 -5.34
CA ILE A 44 -21.36 26.35 -5.69
C ILE A 44 -21.47 27.29 -6.88
N LYS A 45 -20.66 28.35 -6.87
CA LYS A 45 -20.68 29.33 -7.95
C LYS A 45 -20.18 28.69 -9.25
N VAL A 46 -19.13 27.87 -9.16
CA VAL A 46 -18.62 27.21 -10.37
C VAL A 46 -19.58 26.14 -10.88
N ILE A 47 -20.18 25.39 -9.96
CA ILE A 47 -21.13 24.35 -10.35
C ILE A 47 -22.35 24.96 -11.06
N ASN A 48 -22.86 26.08 -10.54
CA ASN A 48 -24.02 26.72 -11.16
C ASN A 48 -23.71 27.20 -12.56
N LYS A 49 -22.48 27.69 -12.78
CA LYS A 49 -22.07 28.17 -14.09
C LYS A 49 -21.97 27.00 -15.05
N ALA A 50 -21.45 25.87 -14.57
CA ALA A 50 -21.33 24.68 -15.40
C ALA A 50 -22.71 24.17 -15.82
N VAL A 51 -23.65 24.23 -14.89
CA VAL A 51 -25.02 23.78 -15.15
C VAL A 51 -25.71 24.74 -16.12
N GLU A 52 -25.49 26.02 -15.93
CA GLU A 52 -26.10 27.03 -16.79
C GLU A 52 -25.52 26.94 -18.21
N ARG A 53 -24.20 26.83 -18.31
CA ARG A 53 -23.56 26.76 -19.60
C ARG A 53 -23.97 25.49 -20.37
N ALA A 54 -24.09 24.38 -19.67
CA ALA A 54 -24.47 23.12 -20.33
C ALA A 54 -25.95 22.93 -20.63
N TYR A 55 -26.83 23.45 -19.78
CA TYR A 55 -28.26 23.22 -19.99
C TYR A 55 -29.10 24.49 -20.03
N GLY A 56 -28.46 25.65 -20.02
CA GLY A 56 -29.22 26.89 -20.03
C GLY A 56 -30.04 26.98 -18.76
N SER A 57 -31.29 27.43 -18.89
CA SER A 57 -32.14 27.54 -17.73
C SER A 57 -33.05 26.32 -17.59
N SER A 58 -32.84 25.32 -18.45
CA SER A 58 -33.67 24.12 -18.40
C SER A 58 -33.43 23.27 -17.14
N ARG A 59 -32.32 23.53 -16.45
CA ARG A 59 -32.00 22.81 -15.22
C ARG A 59 -31.34 23.79 -14.28
N GLU A 60 -31.55 23.60 -12.98
CA GLU A 60 -30.96 24.47 -11.97
C GLU A 60 -30.98 23.77 -10.62
N ILE A 61 -29.83 23.71 -9.96
CA ILE A 61 -29.75 23.08 -8.65
C ILE A 61 -30.32 24.03 -7.61
N LYS A 62 -31.23 23.55 -6.78
CA LYS A 62 -31.79 24.39 -5.73
C LYS A 62 -31.02 24.02 -4.46
N TRP A 63 -29.96 24.78 -4.20
CA TRP A 63 -29.12 24.56 -3.03
C TRP A 63 -29.82 24.90 -1.74
N LEU A 64 -29.55 24.11 -0.71
CA LEU A 64 -30.15 24.35 0.59
C LEU A 64 -29.08 24.11 1.66
N GLU A 65 -28.64 25.19 2.29
CA GLU A 65 -27.62 25.05 3.33
C GLU A 65 -28.19 24.46 4.62
N VAL A 66 -27.45 23.54 5.22
CA VAL A 66 -27.81 22.96 6.51
C VAL A 66 -26.56 23.13 7.37
N TYR A 67 -26.73 23.19 8.69
CA TYR A 67 -25.62 23.41 9.61
C TYR A 67 -25.04 22.15 10.24
N ALA A 68 -23.73 22.15 10.43
CA ALA A 68 -23.01 21.05 11.06
C ALA A 68 -21.66 21.60 11.48
N GLY A 69 -21.06 21.03 12.51
CA GLY A 69 -19.76 21.51 12.94
C GLY A 69 -19.83 22.77 13.78
N GLU A 70 -18.78 23.58 13.72
CA GLU A 70 -18.72 24.79 14.51
C GLU A 70 -19.80 25.83 14.20
N LYS A 71 -20.24 25.91 12.95
CA LYS A 71 -21.29 26.87 12.62
C LYS A 71 -22.57 26.46 13.32
N ALA A 72 -22.83 25.16 13.34
CA ALA A 72 -24.03 24.63 14.00
C ALA A 72 -23.95 24.81 15.51
N GLU A 73 -22.74 24.70 16.06
CA GLU A 73 -22.53 24.88 17.49
C GLU A 73 -22.85 26.31 17.91
N LYS A 74 -22.48 27.25 17.05
CA LYS A 74 -22.73 28.66 17.34
C LYS A 74 -24.19 29.02 17.14
N LEU A 75 -24.75 28.66 16.00
CA LEU A 75 -26.14 28.97 15.70
C LEU A 75 -27.19 28.22 16.52
N VAL A 76 -27.01 26.92 16.71
CA VAL A 76 -28.00 26.17 17.47
C VAL A 76 -27.44 25.29 18.58
N ASN A 77 -26.21 25.57 19.00
CA ASN A 77 -25.57 24.83 20.08
C ASN A 77 -25.60 23.32 19.97
N ASP A 78 -25.44 22.81 18.76
CA ASP A 78 -25.44 21.38 18.51
C ASP A 78 -24.65 21.17 17.24
N ARG A 79 -23.60 20.36 17.34
CA ARG A 79 -22.69 20.02 16.25
C ARG A 79 -23.38 19.40 15.04
N PHE A 80 -24.42 18.61 15.31
CA PHE A 80 -25.16 17.90 14.28
C PHE A 80 -26.63 17.96 14.69
N PRO A 81 -27.25 19.15 14.59
CA PRO A 81 -28.65 19.35 14.97
C PRO A 81 -29.67 18.44 14.31
N LYS A 82 -30.75 18.19 15.05
CA LYS A 82 -31.85 17.36 14.62
C LYS A 82 -32.43 17.83 13.31
N GLU A 83 -32.52 19.15 13.14
CA GLU A 83 -33.06 19.72 11.91
C GLU A 83 -32.18 19.35 10.72
N THR A 84 -30.87 19.33 10.94
CA THR A 84 -29.96 18.98 9.86
C THR A 84 -30.17 17.51 9.50
N GLN A 85 -30.32 16.67 10.51
CA GLN A 85 -30.53 15.24 10.27
C GLN A 85 -31.81 15.03 9.47
N GLU A 86 -32.85 15.79 9.80
CA GLU A 86 -34.12 15.67 9.10
C GLU A 86 -33.97 16.01 7.62
N MET A 87 -33.26 17.09 7.31
CA MET A 87 -33.08 17.50 5.93
C MET A 87 -32.26 16.44 5.17
N LEU A 88 -31.27 15.87 5.83
CA LEU A 88 -30.43 14.83 5.22
C LEU A 88 -31.23 13.60 4.87
N LEU A 89 -32.11 13.17 5.79
CA LEU A 89 -32.93 12.00 5.55
C LEU A 89 -33.95 12.26 4.47
N LYS A 90 -34.34 13.52 4.32
CA LYS A 90 -35.32 13.89 3.30
C LYS A 90 -34.73 14.05 1.91
N TYR A 91 -33.68 14.85 1.78
CA TYR A 91 -33.05 15.12 0.48
C TYR A 91 -31.91 14.17 0.09
N ARG A 92 -31.25 13.59 1.10
CA ARG A 92 -30.21 12.59 0.91
C ARG A 92 -28.96 12.82 0.06
N VAL A 93 -28.80 14.02 -0.50
CA VAL A 93 -27.62 14.32 -1.31
C VAL A 93 -27.02 15.60 -0.75
N VAL A 94 -25.74 15.58 -0.42
CA VAL A 94 -25.11 16.75 0.16
C VAL A 94 -23.66 16.94 -0.23
N LEU A 95 -23.29 18.20 -0.43
CA LEU A 95 -21.92 18.59 -0.77
C LEU A 95 -21.42 19.18 0.55
N LYS A 96 -20.44 18.54 1.18
CA LYS A 96 -19.97 19.07 2.46
C LYS A 96 -18.51 19.44 2.55
N GLY A 97 -18.27 20.65 3.02
CA GLY A 97 -16.92 21.14 3.21
C GLY A 97 -16.25 20.33 4.29
N PRO A 98 -14.97 20.60 4.57
CA PRO A 98 -14.22 19.88 5.60
C PRO A 98 -14.67 20.24 7.02
N LEU A 99 -14.65 19.26 7.91
CA LEU A 99 -15.04 19.48 9.29
C LEU A 99 -13.96 18.95 10.24
N GLU A 100 -13.71 19.68 11.32
CA GLU A 100 -12.71 19.30 12.31
C GLU A 100 -12.94 17.90 12.85
N SER A 109 -17.87 11.83 14.97
CA SER A 109 -17.72 12.89 13.98
C SER A 109 -18.95 12.98 13.08
N VAL A 110 -19.13 14.15 12.46
CA VAL A 110 -20.26 14.36 11.57
C VAL A 110 -20.15 13.49 10.32
N ASN A 111 -18.93 13.37 9.80
CA ASN A 111 -18.69 12.57 8.60
C ASN A 111 -19.20 11.13 8.80
N VAL A 112 -18.82 10.51 9.91
CA VAL A 112 -19.25 9.14 10.16
C VAL A 112 -20.76 9.07 10.38
N ALA A 113 -21.31 10.06 11.08
CA ALA A 113 -22.74 10.11 11.37
C ALA A 113 -23.57 10.21 10.08
N ILE A 114 -23.13 11.02 9.13
CA ILE A 114 -23.88 11.15 7.87
C ILE A 114 -23.83 9.82 7.11
N ARG A 115 -22.64 9.23 7.03
CA ARG A 115 -22.48 7.95 6.34
C ARG A 115 -23.39 6.86 6.92
N LEU A 116 -23.49 6.80 8.24
CA LEU A 116 -24.33 5.80 8.89
C LEU A 116 -25.82 6.04 8.67
N MET A 117 -26.28 7.25 8.96
CA MET A 117 -27.69 7.52 8.81
C MET A 117 -28.23 7.37 7.38
N LEU A 118 -27.37 7.51 6.38
CA LEU A 118 -27.81 7.37 4.99
C LEU A 118 -27.28 6.08 4.35
N ASP A 119 -26.61 5.28 5.17
CA ASP A 119 -25.98 4.02 4.75
C ASP A 119 -25.15 4.16 3.47
N LEU A 120 -24.26 5.14 3.48
CA LEU A 120 -23.36 5.40 2.34
C LEU A 120 -22.19 4.43 2.47
N TYR A 121 -22.41 3.19 2.05
CA TYR A 121 -21.41 2.12 2.15
C TYR A 121 -20.23 2.13 1.17
N ALA A 122 -20.31 2.97 0.15
CA ALA A 122 -19.25 3.01 -0.85
C ALA A 122 -18.43 4.28 -0.82
N ASN A 123 -17.11 4.14 -0.66
CA ASN A 123 -16.23 5.30 -0.69
C ASN A 123 -15.66 5.36 -2.11
N ILE A 124 -15.93 6.45 -2.80
CA ILE A 124 -15.49 6.62 -4.19
C ILE A 124 -14.33 7.61 -4.28
N ARG A 125 -13.26 7.20 -4.94
CA ARG A 125 -12.08 8.04 -5.07
C ARG A 125 -11.58 8.20 -6.50
N PRO A 126 -12.04 9.23 -7.20
CA PRO A 126 -11.52 9.37 -8.56
C PRO A 126 -10.16 10.05 -8.50
N VAL A 127 -9.26 9.63 -9.37
CA VAL A 127 -7.94 10.22 -9.42
C VAL A 127 -7.41 10.13 -10.85
N LYS A 128 -7.36 11.28 -11.52
CA LYS A 128 -6.86 11.30 -12.87
C LYS A 128 -5.90 12.47 -13.03
N TYR A 129 -4.96 12.31 -13.94
CA TYR A 129 -3.95 13.33 -14.19
C TYR A 129 -4.55 14.67 -14.59
N ILE A 130 -3.93 15.74 -14.12
CA ILE A 130 -4.35 17.09 -14.44
C ILE A 130 -3.20 17.80 -15.13
N GLU A 131 -3.43 18.16 -16.39
CA GLU A 131 -2.44 18.83 -17.21
C GLU A 131 -1.77 20.03 -16.55
N GLY A 132 -0.45 19.96 -16.35
CA GLY A 132 0.28 21.08 -15.74
C GLY A 132 0.77 21.01 -14.29
N LEU A 133 0.30 20.03 -13.52
CA LEU A 133 0.71 19.92 -12.11
C LEU A 133 1.98 19.11 -11.84
N GLU A 134 2.71 19.52 -10.81
CA GLU A 134 3.93 18.81 -10.40
C GLU A 134 3.51 17.38 -10.04
N SER A 135 4.33 16.41 -10.37
CA SER A 135 4.03 15.02 -10.06
C SER A 135 5.31 14.27 -9.67
N PRO A 136 5.22 13.38 -8.69
CA PRO A 136 6.42 12.63 -8.30
C PRO A 136 6.78 11.66 -9.42
N LEU A 137 5.79 11.35 -10.25
CA LEU A 137 5.96 10.43 -11.36
C LEU A 137 6.52 11.13 -12.59
N LYS A 138 7.39 10.44 -13.30
CA LYS A 138 7.96 11.00 -14.51
C LYS A 138 6.85 11.04 -15.57
N HIS A 139 6.01 10.00 -15.59
CA HIS A 139 4.92 9.94 -16.58
C HIS A 139 3.52 9.71 -15.98
N PRO A 140 2.89 10.78 -15.46
CA PRO A 140 1.56 10.67 -14.87
C PRO A 140 0.40 10.83 -15.86
N GLU A 141 0.72 11.14 -17.12
CA GLU A 141 -0.28 11.37 -18.16
C GLU A 141 -1.51 10.48 -18.24
N LYS A 142 -1.30 9.18 -18.32
CA LYS A 142 -2.42 8.24 -18.45
C LYS A 142 -3.08 7.76 -17.16
N VAL A 143 -2.82 8.48 -16.06
CA VAL A 143 -3.44 8.12 -14.79
C VAL A 143 -4.88 8.59 -14.85
N ASP A 144 -5.80 7.63 -14.83
CA ASP A 144 -7.22 7.94 -14.89
C ASP A 144 -7.95 6.75 -14.28
N MET A 145 -8.14 6.79 -12.97
CA MET A 145 -8.81 5.68 -12.29
C MET A 145 -9.81 6.16 -11.24
N ILE A 146 -10.63 5.23 -10.78
CA ILE A 146 -11.62 5.50 -9.76
C ILE A 146 -11.63 4.32 -8.80
N ILE A 147 -11.39 4.59 -7.53
CA ILE A 147 -11.38 3.53 -6.54
C ILE A 147 -12.76 3.41 -5.90
N PHE A 148 -13.30 2.19 -5.94
CA PHE A 148 -14.59 1.90 -5.33
C PHE A 148 -14.30 1.05 -4.10
N ARG A 149 -14.27 1.67 -2.93
CA ARG A 149 -13.97 0.96 -1.68
C ARG A 149 -15.20 0.66 -0.83
N GLU A 150 -15.35 -0.60 -0.47
CA GLU A 150 -16.46 -1.00 0.39
C GLU A 150 -15.98 -0.36 1.70
N ASN A 151 -16.82 0.45 2.31
CA ASN A 151 -16.38 1.20 3.48
C ASN A 151 -17.12 0.92 4.79
N THR A 152 -17.60 -0.31 4.98
CA THR A 152 -18.34 -0.68 6.21
C THR A 152 -17.99 -2.07 6.74
N ASP A 153 -17.21 -2.82 5.96
CA ASP A 153 -16.85 -4.22 6.29
C ASP A 153 -15.37 -4.31 6.68
N ASP A 154 -14.83 -5.52 6.70
CA ASP A 154 -13.42 -5.74 7.01
C ASP A 154 -13.06 -5.45 8.48
N LEU A 155 -11.76 -5.38 8.75
CA LEU A 155 -11.26 -5.12 10.09
C LEU A 155 -11.77 -3.81 10.67
N TYR A 156 -12.19 -2.89 9.81
CA TYR A 156 -12.68 -1.59 10.26
C TYR A 156 -14.03 -1.65 10.99
N ARG A 157 -14.62 -2.84 11.09
CA ARG A 157 -15.88 -2.98 11.82
C ARG A 157 -15.55 -2.76 13.30
N GLY A 158 -14.25 -2.80 13.61
CA GLY A 158 -13.80 -2.59 14.97
C GLY A 158 -14.00 -3.71 15.98
N ILE A 159 -14.16 -4.94 15.51
CA ILE A 159 -14.32 -6.06 16.43
C ILE A 159 -12.92 -6.51 16.84
N GLU A 160 -12.40 -5.90 17.91
CA GLU A 160 -11.06 -6.22 18.39
C GLU A 160 -10.99 -6.08 19.92
N TYR A 161 -9.99 -6.70 20.52
CA TYR A 161 -9.84 -6.64 21.98
C TYR A 161 -8.37 -6.63 22.40
N PRO A 162 -8.05 -5.89 23.49
CA PRO A 162 -6.67 -5.83 23.97
C PRO A 162 -6.19 -7.17 24.50
N PHE A 163 -4.89 -7.43 24.35
CA PHE A 163 -4.29 -8.68 24.78
C PHE A 163 -4.57 -9.09 26.23
N ASN A 164 -4.69 -8.11 27.13
CA ASN A 164 -4.95 -8.40 28.55
C ASN A 164 -6.39 -8.18 29.01
N SER A 165 -7.33 -8.22 28.06
CA SER A 165 -8.74 -8.04 28.39
C SER A 165 -9.39 -9.39 28.62
N GLU A 166 -10.45 -9.42 29.43
CA GLU A 166 -11.12 -10.68 29.69
C GLU A 166 -11.79 -11.18 28.40
N GLU A 167 -12.12 -10.25 27.51
CA GLU A 167 -12.74 -10.63 26.24
C GLU A 167 -11.74 -11.45 25.44
N ALA A 168 -10.52 -10.94 25.32
CA ALA A 168 -9.47 -11.63 24.58
C ALA A 168 -9.24 -13.02 25.17
N LYS A 169 -9.30 -13.12 26.49
CA LYS A 169 -9.10 -14.40 27.16
C LYS A 169 -10.22 -15.36 26.77
N LYS A 170 -11.44 -14.85 26.70
CA LYS A 170 -12.57 -15.69 26.33
C LYS A 170 -12.38 -16.21 24.91
N ILE A 171 -11.91 -15.35 24.01
CA ILE A 171 -11.69 -15.73 22.62
C ILE A 171 -10.63 -16.81 22.51
N ARG A 172 -9.48 -16.61 23.15
CA ARG A 172 -8.40 -17.58 23.10
C ARG A 172 -8.82 -18.94 23.69
N ASP A 173 -9.63 -18.91 24.74
CA ASP A 173 -10.10 -20.16 25.35
C ASP A 173 -11.01 -20.88 24.36
N PHE A 174 -11.89 -20.12 23.71
CA PHE A 174 -12.82 -20.66 22.73
C PHE A 174 -12.09 -21.32 21.56
N LEU A 175 -11.20 -20.57 20.92
CA LEU A 175 -10.45 -21.08 19.77
C LEU A 175 -9.68 -22.36 20.14
N ARG A 176 -9.11 -22.38 21.34
CA ARG A 176 -8.33 -23.52 21.81
C ARG A 176 -9.15 -24.79 21.96
N LYS A 177 -10.27 -24.70 22.68
CA LYS A 177 -11.10 -25.87 22.93
C LYS A 177 -12.10 -26.22 21.83
N GLU A 178 -12.73 -25.22 21.21
CA GLU A 178 -13.71 -25.50 20.17
C GLU A 178 -13.13 -25.62 18.76
N LEU A 179 -12.02 -24.94 18.49
CA LEU A 179 -11.40 -24.96 17.18
C LEU A 179 -10.02 -25.60 17.16
N LYS A 180 -9.48 -25.89 18.34
CA LYS A 180 -8.17 -26.51 18.45
C LYS A 180 -7.09 -25.70 17.76
N VAL A 181 -7.17 -24.38 17.94
CA VAL A 181 -6.20 -23.45 17.37
C VAL A 181 -5.26 -23.02 18.48
N GLU A 182 -3.96 -23.10 18.24
CA GLU A 182 -2.99 -22.69 19.27
C GLU A 182 -2.65 -21.21 19.15
N ILE A 183 -2.76 -20.50 20.27
CA ILE A 183 -2.47 -19.07 20.30
C ILE A 183 -1.95 -18.64 21.67
N GLU A 184 -0.85 -17.88 21.66
CA GLU A 184 -0.24 -17.40 22.89
C GLU A 184 -1.13 -16.39 23.61
N ASP A 185 -0.88 -16.20 24.89
CA ASP A 185 -1.65 -15.26 25.70
C ASP A 185 -1.27 -13.79 25.51
N ASP A 186 -0.04 -13.53 25.10
CA ASP A 186 0.42 -12.15 24.90
C ASP A 186 0.00 -11.61 23.53
N THR A 187 -1.25 -11.84 23.16
CA THR A 187 -1.73 -11.42 21.85
C THR A 187 -2.95 -10.51 21.75
N GLY A 188 -2.80 -9.43 20.99
CA GLY A 188 -3.92 -8.54 20.75
C GLY A 188 -4.75 -9.32 19.73
N ILE A 189 -6.06 -9.19 19.76
CA ILE A 189 -6.89 -9.95 18.83
C ILE A 189 -7.91 -9.11 18.04
N GLY A 190 -7.89 -9.27 16.72
CA GLY A 190 -8.82 -8.55 15.87
C GLY A 190 -9.57 -9.54 14.99
N ILE A 191 -10.83 -9.27 14.70
CA ILE A 191 -11.60 -10.19 13.87
C ILE A 191 -11.94 -9.55 12.53
N LYS A 192 -11.45 -10.16 11.46
CA LYS A 192 -11.68 -9.67 10.11
C LYS A 192 -12.93 -10.37 9.56
N VAL A 193 -13.94 -9.57 9.25
CA VAL A 193 -15.18 -10.08 8.74
C VAL A 193 -15.35 -9.63 7.28
N MET A 194 -15.85 -10.51 6.43
CA MET A 194 -16.07 -10.16 5.03
C MET A 194 -17.44 -10.70 4.64
N SER A 195 -18.37 -9.78 4.40
CA SER A 195 -19.75 -10.11 4.06
C SER A 195 -20.03 -10.29 2.57
N LYS A 196 -20.77 -11.36 2.25
CA LYS A 196 -21.13 -11.63 0.86
C LYS A 196 -22.03 -10.51 0.36
N TYR A 197 -23.05 -10.17 1.15
CA TYR A 197 -23.98 -9.10 0.78
C TYR A 197 -23.29 -7.75 0.60
N LYS A 198 -22.44 -7.37 1.55
CA LYS A 198 -21.74 -6.10 1.46
C LYS A 198 -20.86 -6.07 0.20
N THR A 199 -20.21 -7.21 -0.09
CA THR A 199 -19.34 -7.31 -1.26
C THR A 199 -20.15 -7.17 -2.56
N GLN A 200 -21.31 -7.82 -2.61
CA GLN A 200 -22.15 -7.76 -3.80
C GLN A 200 -22.66 -6.36 -4.12
N ARG A 201 -23.15 -5.64 -3.10
CA ARG A 201 -23.67 -4.32 -3.35
C ARG A 201 -22.61 -3.34 -3.85
N ILE A 202 -21.37 -3.45 -3.35
CA ILE A 202 -20.32 -2.55 -3.81
C ILE A 202 -19.96 -2.93 -5.26
N THR A 203 -19.98 -4.22 -5.58
CA THR A 203 -19.67 -4.69 -6.93
C THR A 203 -20.71 -4.19 -7.94
N ARG A 204 -21.98 -4.25 -7.58
CA ARG A 204 -23.05 -3.79 -8.45
C ARG A 204 -22.88 -2.30 -8.73
N LEU A 205 -22.57 -1.53 -7.69
CA LEU A 205 -22.36 -0.09 -7.84
C LEU A 205 -21.24 0.19 -8.84
N ALA A 206 -20.11 -0.51 -8.69
CA ALA A 206 -18.96 -0.31 -9.56
C ALA A 206 -19.24 -0.63 -11.03
N ILE A 207 -19.89 -1.75 -11.29
CA ILE A 207 -20.18 -2.15 -12.66
C ILE A 207 -21.21 -1.20 -13.28
N GLN A 208 -22.23 -0.85 -12.50
CA GLN A 208 -23.27 0.06 -12.97
C GLN A 208 -22.66 1.41 -13.34
N TYR A 209 -21.66 1.85 -12.58
CA TYR A 209 -20.98 3.10 -12.87
C TYR A 209 -20.21 2.99 -14.19
N ALA A 210 -19.52 1.86 -14.36
CA ALA A 210 -18.74 1.62 -15.57
C ALA A 210 -19.67 1.67 -16.79
N ILE A 211 -20.83 1.03 -16.68
CA ILE A 211 -21.80 1.01 -17.75
C ILE A 211 -22.26 2.44 -18.04
N GLU A 212 -22.74 3.10 -17.00
CA GLU A 212 -23.25 4.45 -17.07
C GLU A 212 -22.26 5.46 -17.64
N HIS A 213 -21.00 5.40 -17.22
CA HIS A 213 -20.00 6.36 -17.68
C HIS A 213 -18.95 5.83 -18.66
N LYS A 214 -19.35 4.87 -19.47
CA LYS A 214 -18.48 4.28 -20.48
C LYS A 214 -17.08 3.94 -19.99
N ARG A 215 -16.98 3.27 -18.84
CA ARG A 215 -15.70 2.86 -18.31
C ARG A 215 -15.47 1.49 -18.94
N LYS A 216 -14.21 1.12 -19.15
CA LYS A 216 -13.91 -0.14 -19.81
C LYS A 216 -13.36 -1.29 -18.98
N LYS A 217 -13.00 -1.04 -17.73
CA LYS A 217 -12.42 -2.10 -16.92
C LYS A 217 -12.60 -1.94 -15.42
N VAL A 218 -12.82 -3.07 -14.75
CA VAL A 218 -12.97 -3.09 -13.31
C VAL A 218 -11.99 -4.15 -12.79
N THR A 219 -11.09 -3.75 -11.90
CA THR A 219 -10.12 -4.68 -11.34
C THR A 219 -10.36 -4.90 -9.86
N ILE A 220 -10.50 -6.16 -9.46
CA ILE A 220 -10.71 -6.50 -8.06
C ILE A 220 -9.37 -6.61 -7.34
N MET A 221 -9.20 -5.85 -6.25
CA MET A 221 -7.97 -5.84 -5.46
C MET A 221 -8.15 -6.76 -4.26
N HIS A 222 -7.24 -7.73 -4.11
CA HIS A 222 -7.37 -8.69 -3.02
C HIS A 222 -6.09 -9.45 -2.70
N LYS A 223 -6.09 -10.08 -1.53
CA LYS A 223 -4.96 -10.90 -1.10
C LYS A 223 -5.53 -12.29 -0.81
N GLY A 224 -6.35 -12.77 -1.73
CA GLY A 224 -6.99 -14.07 -1.60
C GLY A 224 -6.07 -15.27 -1.56
N ASN A 225 -4.84 -15.12 -2.01
CA ASN A 225 -3.89 -16.22 -2.02
C ASN A 225 -3.47 -16.60 -0.59
N VAL A 226 -3.58 -15.65 0.34
CA VAL A 226 -3.21 -15.94 1.73
C VAL A 226 -4.43 -15.78 2.65
N MET A 227 -5.34 -14.87 2.30
CA MET A 227 -6.56 -14.64 3.06
C MET A 227 -7.70 -15.14 2.18
N LYS A 228 -7.72 -16.46 1.99
CA LYS A 228 -8.69 -17.12 1.13
C LYS A 228 -10.18 -16.97 1.46
N TYR A 229 -10.54 -16.99 2.74
CA TYR A 229 -11.95 -16.90 3.10
C TYR A 229 -12.53 -15.54 3.39
N THR A 230 -11.69 -14.51 3.34
CA THR A 230 -12.18 -13.15 3.54
C THR A 230 -11.98 -12.42 2.22
N GLU A 231 -10.72 -12.12 1.87
CA GLU A 231 -10.46 -11.40 0.64
C GLU A 231 -10.60 -12.29 -0.59
N GLY A 232 -10.32 -13.58 -0.43
CA GLY A 232 -10.47 -14.50 -1.55
C GLY A 232 -11.95 -14.63 -1.86
N ALA A 233 -12.77 -14.61 -0.81
CA ALA A 233 -14.22 -14.71 -0.94
C ALA A 233 -14.76 -13.43 -1.59
N PHE A 234 -14.15 -12.30 -1.27
CA PHE A 234 -14.55 -11.01 -1.83
C PHE A 234 -14.43 -11.14 -3.36
N ARG A 235 -13.27 -11.61 -3.82
CA ARG A 235 -13.03 -11.79 -5.24
C ARG A 235 -14.07 -12.72 -5.89
N GLU A 236 -14.31 -13.86 -5.27
CA GLU A 236 -15.27 -14.84 -5.78
C GLU A 236 -16.68 -14.27 -5.83
N TRP A 237 -17.09 -13.59 -4.77
CA TRP A 237 -18.43 -13.01 -4.73
C TRP A 237 -18.62 -11.91 -5.77
N ALA A 238 -17.57 -11.14 -6.03
CA ALA A 238 -17.63 -10.06 -7.01
C ALA A 238 -17.83 -10.64 -8.42
N TYR A 239 -17.01 -11.61 -8.80
CA TYR A 239 -17.13 -12.24 -10.13
C TYR A 239 -18.53 -12.82 -10.28
N GLU A 240 -19.01 -13.45 -9.23
CA GLU A 240 -20.33 -14.08 -9.19
C GLU A 240 -21.48 -13.15 -9.56
N VAL A 241 -21.62 -12.04 -8.82
CA VAL A 241 -22.71 -11.11 -9.09
C VAL A 241 -22.56 -10.46 -10.46
N ALA A 242 -21.31 -10.30 -10.90
CA ALA A 242 -21.04 -9.69 -12.19
C ALA A 242 -21.48 -10.61 -13.34
N LEU A 243 -21.03 -11.86 -13.28
CA LEU A 243 -21.38 -12.84 -14.29
C LEU A 243 -22.86 -13.19 -14.24
N LYS A 244 -23.44 -13.15 -13.04
CA LYS A 244 -24.83 -13.51 -12.85
C LYS A 244 -25.85 -12.39 -13.08
N GLU A 245 -25.44 -11.13 -12.87
CA GLU A 245 -26.39 -10.03 -13.05
C GLU A 245 -26.02 -9.06 -14.17
N TYR A 246 -24.80 -9.14 -14.68
CA TYR A 246 -24.37 -8.25 -15.76
C TYR A 246 -23.64 -9.02 -16.85
N ARG A 247 -24.11 -10.23 -17.12
CA ARG A 247 -23.52 -11.10 -18.13
C ARG A 247 -23.28 -10.46 -19.50
N ASP A 248 -24.30 -9.83 -20.07
CA ASP A 248 -24.11 -9.23 -21.38
C ASP A 248 -23.53 -7.82 -21.35
N PHE A 249 -22.92 -7.45 -20.24
CA PHE A 249 -22.30 -6.13 -20.11
C PHE A 249 -20.80 -6.25 -19.88
N ILE A 250 -20.38 -7.40 -19.39
CA ILE A 250 -18.97 -7.61 -19.09
C ILE A 250 -18.37 -8.90 -19.62
N VAL A 251 -17.05 -8.96 -19.60
CA VAL A 251 -16.29 -10.11 -20.04
C VAL A 251 -15.04 -10.19 -19.16
N THR A 252 -14.77 -11.38 -18.62
CA THR A 252 -13.60 -11.53 -17.75
C THR A 252 -12.29 -11.65 -18.51
N GLU A 253 -11.20 -11.36 -17.81
CA GLU A 253 -9.87 -11.44 -18.38
C GLU A 253 -9.59 -12.89 -18.75
N GLU A 254 -10.10 -13.81 -17.93
CA GLU A 254 -9.92 -15.24 -18.18
C GLU A 254 -10.62 -15.64 -19.47
N GLU A 255 -11.79 -15.07 -19.71
CA GLU A 255 -12.56 -15.37 -20.92
C GLU A 255 -11.86 -14.83 -22.17
N ILE A 256 -11.26 -13.66 -22.05
CA ILE A 256 -10.57 -13.02 -23.18
C ILE A 256 -9.39 -13.86 -23.64
N ASN A 257 -8.50 -14.22 -22.73
CA ASN A 257 -7.35 -15.03 -23.11
C ASN A 257 -7.73 -16.49 -23.21
N GLN A 258 -9.01 -16.72 -23.48
CA GLN A 258 -9.54 -18.07 -23.62
C GLN A 258 -10.23 -18.17 -24.98
N GLY A 259 -10.36 -17.04 -25.66
CA GLY A 259 -10.98 -17.02 -26.96
C GLY A 259 -12.08 -15.98 -27.13
N LYS A 260 -12.77 -15.66 -26.05
CA LYS A 260 -13.87 -14.70 -26.08
C LYS A 260 -13.46 -13.27 -26.44
N PRO A 261 -14.31 -12.56 -27.20
CA PRO A 261 -14.07 -11.18 -27.62
C PRO A 261 -14.53 -10.18 -26.55
N ASP A 262 -13.82 -9.07 -26.45
CA ASP A 262 -14.15 -8.05 -25.45
C ASP A 262 -14.71 -6.79 -26.11
N GLN A 263 -15.04 -6.87 -27.38
CA GLN A 263 -15.58 -5.72 -28.09
C GLN A 263 -16.92 -5.30 -27.52
N GLY A 264 -17.01 -4.03 -27.13
CA GLY A 264 -18.24 -3.50 -26.57
C GLY A 264 -18.55 -3.96 -25.15
N LYS A 265 -17.57 -4.58 -24.49
CA LYS A 265 -17.78 -5.06 -23.13
C LYS A 265 -16.78 -4.57 -22.10
N ILE A 266 -17.25 -4.42 -20.87
CA ILE A 266 -16.40 -3.98 -19.76
C ILE A 266 -15.56 -5.18 -19.31
N ILE A 267 -14.27 -4.96 -19.13
CA ILE A 267 -13.38 -6.02 -18.69
C ILE A 267 -13.36 -6.14 -17.16
N LEU A 268 -13.48 -7.37 -16.67
CA LEU A 268 -13.46 -7.63 -15.23
C LEU A 268 -12.33 -8.59 -14.91
N ASN A 269 -11.35 -8.14 -14.14
CA ASN A 269 -10.24 -9.00 -13.77
C ASN A 269 -9.90 -8.79 -12.30
N ASP A 270 -8.82 -9.42 -11.84
CA ASP A 270 -8.41 -9.28 -10.45
C ASP A 270 -6.90 -9.33 -10.32
N ARG A 271 -6.38 -8.67 -9.29
CA ARG A 271 -4.95 -8.62 -9.06
C ARG A 271 -4.66 -8.75 -7.56
N ILE A 272 -3.59 -9.46 -7.22
CA ILE A 272 -3.22 -9.61 -5.82
C ILE A 272 -2.72 -8.26 -5.32
N ALA A 273 -3.18 -7.88 -4.13
CA ALA A 273 -2.84 -6.60 -3.50
C ALA A 273 -1.39 -6.17 -3.66
N ASP A 274 -0.46 -7.05 -3.29
CA ASP A 274 0.95 -6.72 -3.38
C ASP A 274 1.36 -6.33 -4.80
N ASN A 275 0.79 -7.00 -5.79
CA ASN A 275 1.11 -6.68 -7.17
C ASN A 275 0.62 -5.29 -7.53
N MET A 276 -0.54 -4.91 -6.99
CA MET A 276 -1.11 -3.61 -7.27
C MET A 276 -0.35 -2.44 -6.66
N PHE A 277 0.28 -2.65 -5.51
CA PHE A 277 1.05 -1.58 -4.89
C PHE A 277 2.29 -1.33 -5.75
N GLN A 278 2.69 -2.34 -6.52
CA GLN A 278 3.83 -2.21 -7.41
C GLN A 278 3.41 -1.48 -8.69
N GLN A 279 2.48 -2.11 -9.40
CA GLN A 279 1.97 -1.59 -10.68
C GLN A 279 1.30 -0.21 -10.65
N ILE A 280 0.78 0.19 -9.50
CA ILE A 280 0.14 1.49 -9.40
C ILE A 280 1.20 2.58 -9.53
N ILE A 281 2.45 2.22 -9.22
CA ILE A 281 3.57 3.14 -9.31
C ILE A 281 4.28 3.06 -10.67
N ILE A 282 4.58 1.83 -11.11
CA ILE A 282 5.28 1.66 -12.39
C ILE A 282 4.39 1.90 -13.61
N ARG A 283 3.14 1.45 -13.57
CA ARG A 283 2.23 1.69 -14.70
C ARG A 283 0.76 1.77 -14.28
N PRO A 284 0.38 2.90 -13.67
CA PRO A 284 -0.98 3.16 -13.19
C PRO A 284 -2.03 3.19 -14.31
N GLU A 285 -1.58 3.39 -15.55
CA GLU A 285 -2.50 3.44 -16.69
C GLU A 285 -3.23 2.13 -16.93
N GLU A 286 -2.75 1.06 -16.28
CA GLU A 286 -3.36 -0.24 -16.43
C GLU A 286 -4.71 -0.31 -15.70
N TYR A 287 -4.92 0.57 -14.72
CA TYR A 287 -6.16 0.56 -13.96
C TYR A 287 -7.22 1.56 -14.40
N ASP A 288 -8.47 1.15 -14.33
CA ASP A 288 -9.60 2.00 -14.66
C ASP A 288 -10.33 2.08 -13.32
N ILE A 289 -11.25 1.16 -13.08
CA ILE A 289 -11.97 1.14 -11.81
C ILE A 289 -11.35 0.06 -10.92
N ILE A 290 -11.02 0.40 -9.68
CA ILE A 290 -10.46 -0.58 -8.75
C ILE A 290 -11.51 -0.92 -7.71
N LEU A 291 -11.88 -2.21 -7.63
CA LEU A 291 -12.88 -2.68 -6.68
C LEU A 291 -12.11 -3.31 -5.52
N ALA A 292 -12.32 -2.80 -4.32
CA ALA A 292 -11.58 -3.32 -3.19
C ALA A 292 -12.30 -3.30 -1.86
N PRO A 293 -11.89 -4.20 -0.95
CA PRO A 293 -12.48 -4.26 0.38
C PRO A 293 -11.97 -3.06 1.16
N ASN A 294 -12.57 -2.82 2.33
CA ASN A 294 -12.24 -1.68 3.17
C ASN A 294 -10.76 -1.35 3.43
N VAL A 295 -9.98 -2.30 3.94
CA VAL A 295 -8.58 -2.00 4.23
C VAL A 295 -7.74 -1.73 2.98
N ASN A 296 -7.80 -2.64 2.00
CA ASN A 296 -7.05 -2.45 0.75
C ASN A 296 -7.47 -1.14 0.09
N GLY A 297 -8.78 -0.89 0.04
CA GLY A 297 -9.27 0.32 -0.58
C GLY A 297 -8.69 1.56 0.09
N ASP A 298 -8.48 1.47 1.40
CA ASP A 298 -7.92 2.56 2.17
C ASP A 298 -6.48 2.82 1.74
N TYR A 299 -5.66 1.76 1.75
CA TYR A 299 -4.26 1.91 1.37
C TYR A 299 -4.05 2.25 -0.11
N ILE A 300 -4.80 1.61 -1.00
CA ILE A 300 -4.61 1.89 -2.41
C ILE A 300 -5.03 3.33 -2.75
N SER A 301 -6.03 3.87 -2.07
CA SER A 301 -6.47 5.25 -2.30
C SER A 301 -5.36 6.24 -2.02
N ASP A 302 -4.65 6.00 -0.91
CA ASP A 302 -3.53 6.83 -0.49
C ASP A 302 -2.43 6.79 -1.53
N ALA A 303 -2.10 5.60 -2.00
CA ALA A 303 -1.05 5.46 -3.00
C ALA A 303 -1.46 6.12 -4.31
N ALA A 304 -2.70 5.86 -4.74
CA ALA A 304 -3.18 6.42 -6.00
C ALA A 304 -3.17 7.94 -5.99
N GLY A 305 -3.74 8.53 -4.94
CA GLY A 305 -3.77 9.98 -4.86
C GLY A 305 -2.39 10.61 -4.86
N ALA A 306 -1.41 9.89 -4.31
CA ALA A 306 -0.05 10.41 -4.25
C ALA A 306 0.58 10.56 -5.63
N LEU A 307 0.00 9.88 -6.61
CA LEU A 307 0.52 9.92 -7.97
C LEU A 307 0.43 11.30 -8.62
N ILE A 308 -0.56 12.10 -8.22
CA ILE A 308 -0.68 13.43 -8.79
C ILE A 308 -0.02 14.49 -7.91
N GLY A 309 0.31 14.11 -6.68
CA GLY A 309 0.99 15.03 -5.79
C GLY A 309 0.17 16.01 -4.96
N ASN A 310 -0.86 16.60 -5.57
CA ASN A 310 -1.71 17.56 -4.88
C ASN A 310 -2.97 16.90 -4.32
N ILE A 311 -2.85 16.24 -3.18
CA ILE A 311 -4.00 15.55 -2.60
C ILE A 311 -5.18 16.49 -2.35
N GLY A 312 -4.86 17.72 -1.95
CA GLY A 312 -5.89 18.71 -1.66
C GLY A 312 -6.73 19.10 -2.85
N MET A 313 -6.33 18.66 -4.04
CA MET A 313 -7.10 19.00 -5.23
C MET A 313 -8.00 17.88 -5.69
N LEU A 314 -8.08 16.82 -4.90
CA LEU A 314 -8.94 15.67 -5.21
C LEU A 314 -10.28 15.75 -4.50
N GLY A 315 -11.31 15.16 -5.12
CA GLY A 315 -12.63 15.14 -4.53
C GLY A 315 -12.99 13.68 -4.30
N GLY A 316 -14.03 13.43 -3.51
CA GLY A 316 -14.42 12.05 -3.24
C GLY A 316 -15.86 11.99 -2.79
N ALA A 317 -16.35 10.78 -2.51
CA ALA A 317 -17.72 10.63 -2.08
C ALA A 317 -18.02 9.33 -1.36
N ASN A 318 -19.15 9.31 -0.67
CA ASN A 318 -19.64 8.11 -0.01
C ASN A 318 -21.06 7.99 -0.56
N ILE A 319 -21.31 6.87 -1.21
CA ILE A 319 -22.59 6.60 -1.85
C ILE A 319 -23.32 5.40 -1.25
N GLY A 320 -24.63 5.51 -1.19
CA GLY A 320 -25.46 4.43 -0.67
C GLY A 320 -26.49 4.16 -1.74
N ASP A 321 -27.41 3.24 -1.50
CA ASP A 321 -28.42 2.96 -2.52
C ASP A 321 -29.37 4.14 -2.69
N GLU A 322 -29.50 4.98 -1.67
CA GLU A 322 -30.39 6.13 -1.74
C GLU A 322 -29.79 7.44 -1.23
N GLY A 323 -28.57 7.74 -1.64
CA GLY A 323 -27.97 8.99 -1.19
C GLY A 323 -26.51 9.15 -1.54
N GLY A 324 -25.97 10.31 -1.22
CA GLY A 324 -24.57 10.56 -1.51
C GLY A 324 -24.05 11.79 -0.81
N MET A 325 -22.82 11.70 -0.32
CA MET A 325 -22.16 12.80 0.37
C MET A 325 -20.86 13.03 -0.40
N PHE A 326 -20.65 14.26 -0.87
CA PHE A 326 -19.46 14.59 -1.64
C PHE A 326 -18.56 15.56 -0.90
N GLU A 327 -17.26 15.31 -0.91
CA GLU A 327 -16.33 16.16 -0.20
C GLU A 327 -14.93 16.16 -0.80
N ALA A 328 -14.14 17.16 -0.43
CA ALA A 328 -12.77 17.27 -0.90
C ALA A 328 -11.92 16.38 0.00
N ILE A 329 -10.77 15.96 -0.50
CA ILE A 329 -9.88 15.12 0.28
C ILE A 329 -8.79 15.99 0.91
N HIS A 330 -9.19 16.76 1.93
CA HIS A 330 -8.29 17.61 2.66
C HIS A 330 -9.02 18.09 3.89
N GLY A 331 -8.30 18.73 4.81
CA GLY A 331 -8.90 19.21 6.05
C GLY A 331 -9.39 20.64 6.01
N THR A 332 -9.56 21.22 7.20
CA THR A 332 -10.05 22.58 7.35
C THR A 332 -9.02 23.70 7.19
N ALA A 333 -7.73 23.35 7.20
CA ALA A 333 -6.66 24.33 7.04
C ALA A 333 -6.90 25.63 7.81
N PRO A 334 -7.12 25.54 9.13
CA PRO A 334 -7.38 26.73 9.95
C PRO A 334 -6.44 27.93 9.72
N LYS A 335 -5.18 27.65 9.43
CA LYS A 335 -4.22 28.74 9.20
C LYS A 335 -4.59 29.61 8.00
N TYR A 336 -5.34 29.04 7.05
CA TYR A 336 -5.74 29.77 5.85
C TYR A 336 -7.17 30.32 5.91
N ALA A 337 -7.91 29.94 6.95
CA ALA A 337 -9.30 30.35 7.12
C ALA A 337 -9.56 31.85 6.94
N GLY A 338 -10.46 32.16 6.02
CA GLY A 338 -10.84 33.54 5.75
C GLY A 338 -9.80 34.46 5.14
N LYS A 339 -8.75 33.89 4.56
CA LYS A 339 -7.73 34.71 3.94
C LYS A 339 -7.81 34.69 2.41
N ASN A 340 -8.85 34.05 1.89
CA ASN A 340 -9.05 33.95 0.44
C ASN A 340 -7.81 33.40 -0.25
N VAL A 341 -7.19 32.41 0.37
CA VAL A 341 -5.98 31.78 -0.15
C VAL A 341 -6.17 30.31 -0.56
N ALA A 342 -7.04 29.61 0.17
CA ALA A 342 -7.28 28.19 -0.09
C ALA A 342 -7.61 27.81 -1.54
N ASN A 343 -7.18 26.61 -1.94
CA ASN A 343 -7.44 26.10 -3.28
C ASN A 343 -8.81 25.39 -3.23
N PRO A 344 -9.80 25.89 -3.98
CA PRO A 344 -11.12 25.27 -3.98
C PRO A 344 -11.27 24.09 -4.93
N THR A 345 -10.18 23.70 -5.58
CA THR A 345 -10.26 22.63 -6.56
C THR A 345 -10.79 21.29 -6.04
N GLY A 346 -10.37 20.91 -4.83
CA GLY A 346 -10.83 19.65 -4.28
C GLY A 346 -12.34 19.59 -4.08
N ILE A 347 -12.93 20.62 -3.50
CA ILE A 347 -14.37 20.62 -3.26
C ILE A 347 -15.11 20.77 -4.62
N ILE A 348 -14.50 21.48 -5.57
CA ILE A 348 -15.12 21.62 -6.89
C ILE A 348 -15.11 20.23 -7.55
N LYS A 349 -14.01 19.51 -7.38
CA LYS A 349 -13.88 18.16 -7.93
C LYS A 349 -14.92 17.23 -7.33
N ALA A 350 -15.26 17.45 -6.06
CA ALA A 350 -16.27 16.65 -5.41
C ALA A 350 -17.61 16.99 -6.09
N GLY A 351 -17.77 18.25 -6.45
CA GLY A 351 -18.98 18.71 -7.12
C GLY A 351 -19.04 18.13 -8.53
N GLU A 352 -17.87 17.93 -9.11
CA GLU A 352 -17.81 17.36 -10.46
C GLU A 352 -18.29 15.90 -10.35
N LEU A 353 -17.85 15.22 -9.29
CA LEU A 353 -18.22 13.83 -9.09
C LEU A 353 -19.72 13.73 -8.82
N MET A 354 -20.26 14.68 -8.06
CA MET A 354 -21.68 14.70 -7.76
C MET A 354 -22.49 14.81 -9.06
N LEU A 355 -22.04 15.69 -9.95
CA LEU A 355 -22.71 15.88 -11.24
C LEU A 355 -22.68 14.61 -12.09
N ARG A 356 -21.60 13.84 -12.00
CA ARG A 356 -21.53 12.61 -12.78
C ARG A 356 -22.52 11.60 -12.23
N TRP A 357 -22.62 11.51 -10.91
CA TRP A 357 -23.54 10.57 -10.32
C TRP A 357 -24.97 10.96 -10.64
N MET A 358 -25.20 12.26 -10.83
CA MET A 358 -26.52 12.78 -11.18
C MET A 358 -26.84 12.51 -12.66
N GLY A 359 -25.82 12.19 -13.44
CA GLY A 359 -26.04 11.93 -14.85
C GLY A 359 -25.91 13.22 -15.65
N TRP A 360 -25.51 14.30 -14.98
CA TRP A 360 -25.33 15.57 -15.66
C TRP A 360 -23.87 15.66 -16.11
N ASN A 361 -23.50 14.75 -17.02
CA ASN A 361 -22.13 14.66 -17.51
C ASN A 361 -21.60 15.86 -18.27
N GLU A 362 -22.48 16.58 -18.96
CA GLU A 362 -22.06 17.75 -19.72
C GLU A 362 -21.53 18.84 -18.77
N ALA A 363 -22.23 19.06 -17.67
CA ALA A 363 -21.80 20.07 -16.71
C ALA A 363 -20.50 19.63 -16.05
N ALA A 364 -20.40 18.34 -15.73
CA ALA A 364 -19.21 17.80 -15.09
C ALA A 364 -18.00 17.96 -16.00
N ASP A 365 -18.18 17.69 -17.29
CA ASP A 365 -17.11 17.81 -18.27
C ASP A 365 -16.62 19.24 -18.37
N LEU A 366 -17.55 20.19 -18.29
CA LEU A 366 -17.18 21.60 -18.38
C LEU A 366 -16.24 21.95 -17.23
N ILE A 367 -16.59 21.52 -16.02
CA ILE A 367 -15.75 21.79 -14.86
C ILE A 367 -14.37 21.16 -15.03
N GLU A 368 -14.33 19.90 -15.47
CA GLU A 368 -13.06 19.20 -15.69
C GLU A 368 -12.17 19.93 -16.70
N LYS A 369 -12.73 20.30 -17.86
CA LYS A 369 -11.98 21.01 -18.88
C LYS A 369 -11.48 22.37 -18.38
N ALA A 370 -12.35 23.12 -17.70
CA ALA A 370 -11.98 24.46 -17.22
C ALA A 370 -10.78 24.41 -16.26
N ILE A 371 -10.76 23.42 -15.37
CA ILE A 371 -9.67 23.28 -14.42
C ILE A 371 -8.38 22.99 -15.19
N ASN A 372 -8.45 22.02 -16.10
CA ASN A 372 -7.29 21.66 -16.92
C ASN A 372 -6.73 22.90 -17.61
N MET A 373 -7.60 23.63 -18.28
CA MET A 373 -7.20 24.84 -18.98
C MET A 373 -6.62 25.90 -18.04
N ALA A 374 -7.26 26.12 -16.89
CA ALA A 374 -6.78 27.11 -15.93
C ALA A 374 -5.37 26.80 -15.44
N ILE A 375 -5.13 25.54 -15.12
CA ILE A 375 -3.82 25.12 -14.64
C ILE A 375 -2.78 25.19 -15.75
N ARG A 376 -3.15 24.69 -16.92
CA ARG A 376 -2.26 24.72 -18.08
C ARG A 376 -1.87 26.18 -18.38
N ASP A 377 -2.77 27.11 -18.07
CA ASP A 377 -2.52 28.52 -18.31
C ASP A 377 -1.93 29.24 -17.09
N LYS A 378 -1.55 28.47 -16.08
CA LYS A 378 -0.96 29.02 -14.86
C LYS A 378 -1.83 30.02 -14.11
N LYS A 379 -3.15 29.81 -14.12
CA LYS A 379 -4.06 30.68 -13.41
C LYS A 379 -4.45 29.82 -12.20
N VAL A 380 -3.62 29.85 -11.16
CA VAL A 380 -3.85 29.01 -9.99
C VAL A 380 -3.64 29.67 -8.62
N THR A 381 -4.02 28.94 -7.58
CA THR A 381 -3.88 29.41 -6.21
C THR A 381 -2.43 29.19 -5.73
N GLN A 382 -2.06 29.82 -4.61
CA GLN A 382 -0.70 29.76 -4.07
C GLN A 382 -0.06 28.39 -3.84
N ASP A 383 -0.86 27.39 -3.51
CA ASP A 383 -0.31 26.06 -3.28
C ASP A 383 0.34 25.50 -4.56
N ILE A 384 -0.12 26.00 -5.71
CA ILE A 384 0.40 25.58 -7.01
C ILE A 384 1.34 26.61 -7.60
N ALA A 385 0.97 27.88 -7.48
CA ALA A 385 1.78 28.96 -8.02
C ALA A 385 3.21 28.91 -7.46
N ARG A 386 3.33 28.52 -6.21
CA ARG A 386 4.62 28.42 -5.52
C ARG A 386 5.66 27.65 -6.31
N PHE A 387 5.22 26.66 -7.08
CA PHE A 387 6.16 25.84 -7.84
C PHE A 387 6.31 26.19 -9.31
N MET A 388 5.47 27.08 -9.82
CA MET A 388 5.60 27.46 -11.22
C MET A 388 6.06 28.90 -11.45
N GLY A 389 6.51 29.54 -10.37
CA GLY A 389 6.99 30.90 -10.46
C GLY A 389 6.03 31.92 -11.05
N VAL A 390 4.75 31.81 -10.71
CA VAL A 390 3.76 32.77 -11.20
C VAL A 390 2.99 33.33 -10.02
N LYS A 391 2.41 34.51 -10.17
CA LYS A 391 1.66 35.10 -9.08
C LYS A 391 0.38 34.30 -8.88
N ALA A 392 0.08 34.04 -7.61
CA ALA A 392 -1.08 33.25 -7.24
C ALA A 392 -2.39 34.03 -7.26
N LEU A 393 -3.47 33.34 -7.59
CA LEU A 393 -4.80 33.93 -7.60
C LEU A 393 -5.45 33.55 -6.29
N GLY A 394 -6.32 34.42 -5.77
CA GLY A 394 -7.02 34.11 -4.54
C GLY A 394 -8.07 33.04 -4.80
N THR A 395 -8.77 32.63 -3.74
CA THR A 395 -9.81 31.61 -3.86
C THR A 395 -10.94 32.07 -4.78
N LYS A 396 -11.47 33.26 -4.50
CA LYS A 396 -12.56 33.83 -5.28
C LYS A 396 -12.13 34.04 -6.72
N GLU A 397 -10.97 34.64 -6.91
CA GLU A 397 -10.46 34.92 -8.24
C GLU A 397 -10.23 33.67 -9.08
N TYR A 398 -9.69 32.61 -8.48
CA TYR A 398 -9.46 31.36 -9.21
C TYR A 398 -10.81 30.79 -9.66
N ALA A 399 -11.81 30.82 -8.78
CA ALA A 399 -13.14 30.32 -9.12
C ALA A 399 -13.72 31.17 -10.25
N ASP A 400 -13.54 32.48 -10.17
CA ASP A 400 -14.06 33.36 -11.22
C ASP A 400 -13.38 33.09 -12.55
N GLU A 401 -12.10 32.70 -12.51
CA GLU A 401 -11.37 32.40 -13.73
C GLU A 401 -11.95 31.14 -14.40
N LEU A 402 -12.28 30.14 -13.59
CA LEU A 402 -12.85 28.92 -14.11
C LEU A 402 -14.17 29.26 -14.80
N ILE A 403 -14.91 30.17 -14.19
CA ILE A 403 -16.19 30.61 -14.71
C ILE A 403 -16.08 31.34 -16.05
N LYS A 404 -15.08 32.20 -16.20
CA LYS A 404 -14.93 32.90 -17.46
C LYS A 404 -14.47 31.91 -18.53
N ILE A 405 -13.70 30.92 -18.12
CA ILE A 405 -13.23 29.90 -19.06
C ILE A 405 -14.40 29.06 -19.56
N MET A 406 -15.28 28.65 -18.66
CA MET A 406 -16.44 27.81 -19.05
C MET A 406 -17.36 28.52 -20.02
N ASP A 407 -17.32 29.85 -20.02
CA ASP A 407 -18.15 30.65 -20.89
C ASP A 407 -17.58 30.62 -22.31
N THR A 408 -16.41 30.01 -22.46
CA THR A 408 -15.73 29.93 -23.75
C THR A 408 -15.78 28.55 -24.40
N ILE A 409 -16.04 27.53 -23.60
CA ILE A 409 -16.07 26.17 -24.12
C ILE A 409 -17.47 25.55 -24.05
N MET B 1 28.64 -40.07 1.83
CA MET B 1 27.92 -38.82 2.21
C MET B 1 27.73 -37.94 0.98
N LEU B 2 26.69 -37.12 1.02
CA LEU B 2 26.37 -36.24 -0.09
C LEU B 2 27.27 -35.00 -0.11
N TYR B 3 27.68 -34.54 1.06
CA TYR B 3 28.52 -33.35 1.14
C TYR B 3 29.87 -33.53 1.81
N LYS B 4 30.84 -32.79 1.29
CA LYS B 4 32.19 -32.78 1.82
C LYS B 4 32.37 -31.39 2.42
N GLU B 5 32.31 -31.31 3.74
CA GLU B 5 32.45 -30.04 4.45
C GLU B 5 33.88 -29.50 4.41
N PRO B 6 34.03 -28.18 4.21
CA PRO B 6 35.37 -27.59 4.16
C PRO B 6 36.07 -27.70 5.51
N GLU B 7 37.10 -28.53 5.56
CA GLU B 7 37.84 -28.74 6.79
C GLU B 7 38.68 -27.53 7.18
N ASP B 8 38.65 -26.51 6.33
CA ASP B 8 39.41 -25.29 6.57
C ASP B 8 38.54 -24.17 7.17
N GLY B 9 37.22 -24.38 7.20
CA GLY B 9 36.35 -23.35 7.73
C GLY B 9 35.67 -23.63 9.05
N GLU B 10 35.03 -22.59 9.60
CA GLU B 10 34.32 -22.69 10.86
C GLU B 10 32.93 -22.10 10.72
N LYS B 11 31.97 -22.70 11.42
CA LYS B 11 30.61 -22.22 11.38
C LYS B 11 30.53 -20.84 12.04
N ILE B 12 29.58 -20.03 11.57
CA ILE B 12 29.34 -18.70 12.12
C ILE B 12 28.63 -18.97 13.44
N LYS B 13 28.93 -18.18 14.47
CA LYS B 13 28.28 -18.36 15.76
C LYS B 13 27.39 -17.19 16.12
N PHE B 14 26.56 -17.38 17.14
CA PHE B 14 25.64 -16.34 17.62
C PHE B 14 25.63 -16.42 19.14
N ASP B 15 25.56 -15.27 19.81
CA ASP B 15 25.54 -15.29 21.28
C ASP B 15 24.17 -14.87 21.79
N LYS B 16 23.63 -13.80 21.23
CA LYS B 16 22.32 -13.31 21.60
C LYS B 16 21.77 -12.45 20.46
N GLY B 17 21.73 -13.06 19.27
CA GLY B 17 21.23 -12.37 18.10
C GLY B 17 22.36 -11.77 17.28
N LYS B 18 23.53 -11.61 17.92
CA LYS B 18 24.68 -11.04 17.24
C LYS B 18 25.51 -12.12 16.55
N TRP B 19 25.85 -11.88 15.29
CA TRP B 19 26.63 -12.83 14.50
C TRP B 19 28.11 -12.75 14.85
N ILE B 20 28.67 -13.87 15.28
CA ILE B 20 30.08 -13.96 15.62
C ILE B 20 30.69 -14.69 14.43
N VAL B 21 31.26 -13.93 13.51
CA VAL B 21 31.80 -14.49 12.29
C VAL B 21 33.30 -14.72 12.28
N PRO B 22 33.73 -15.98 12.03
CA PRO B 22 35.15 -16.35 11.98
C PRO B 22 35.73 -15.77 10.69
N ASN B 23 37.04 -15.72 10.58
CA ASN B 23 37.65 -15.17 9.36
C ASN B 23 37.45 -16.07 8.15
N LYS B 24 37.22 -17.36 8.38
CA LYS B 24 36.99 -18.32 7.32
C LYS B 24 35.67 -19.03 7.58
N PRO B 25 34.56 -18.29 7.46
CA PRO B 25 33.21 -18.80 7.70
C PRO B 25 32.68 -19.76 6.64
N VAL B 26 32.04 -20.83 7.09
CA VAL B 26 31.43 -21.77 6.16
C VAL B 26 30.07 -21.17 5.86
N ILE B 27 29.79 -20.93 4.59
CA ILE B 27 28.51 -20.39 4.16
C ILE B 27 27.93 -21.32 3.11
N LEU B 28 26.67 -21.69 3.30
CA LEU B 28 26.01 -22.59 2.36
C LEU B 28 25.45 -21.81 1.19
N TYR B 29 25.25 -22.48 0.06
CA TYR B 29 24.61 -21.85 -1.08
C TYR B 29 23.82 -22.90 -1.84
N ILE B 30 22.68 -22.48 -2.38
CA ILE B 30 21.80 -23.33 -3.15
C ILE B 30 21.69 -22.64 -4.49
N GLU B 31 22.12 -23.30 -5.55
CA GLU B 31 22.09 -22.71 -6.88
C GLU B 31 20.71 -22.18 -7.27
N GLY B 32 19.68 -22.99 -7.06
CA GLY B 32 18.34 -22.58 -7.41
C GLY B 32 17.96 -23.16 -8.76
N ASP B 33 16.70 -23.01 -9.16
CA ASP B 33 16.21 -23.53 -10.44
C ASP B 33 16.34 -22.49 -11.56
N GLY B 34 16.09 -22.91 -12.79
CA GLY B 34 16.16 -22.01 -13.93
C GLY B 34 17.47 -21.26 -14.08
N ILE B 35 17.41 -19.93 -13.90
CA ILE B 35 18.62 -19.12 -14.02
C ILE B 35 19.52 -19.23 -12.80
N GLY B 36 19.03 -19.89 -11.76
CA GLY B 36 19.78 -20.06 -10.52
C GLY B 36 21.27 -20.31 -10.66
N PRO B 37 21.66 -21.41 -11.32
CA PRO B 37 23.08 -21.75 -11.51
C PRO B 37 23.96 -20.60 -12.01
N GLU B 38 23.53 -19.96 -13.09
CA GLU B 38 24.29 -18.87 -13.68
C GLU B 38 24.44 -17.65 -12.80
N ILE B 39 23.35 -17.18 -12.20
CA ILE B 39 23.43 -16.00 -11.35
C ILE B 39 24.10 -16.24 -10.00
N THR B 40 23.86 -17.40 -9.40
CA THR B 40 24.45 -17.71 -8.10
C THR B 40 25.97 -17.90 -8.18
N ASN B 41 26.44 -18.63 -9.18
CA ASN B 41 27.88 -18.82 -9.30
C ASN B 41 28.55 -17.48 -9.62
N ALA B 42 27.83 -16.63 -10.35
CA ALA B 42 28.34 -15.30 -10.67
C ALA B 42 28.45 -14.50 -9.38
N ALA B 43 27.41 -14.60 -8.55
CA ALA B 43 27.37 -13.90 -7.27
C ALA B 43 28.54 -14.32 -6.38
N ILE B 44 28.77 -15.63 -6.31
CA ILE B 44 29.85 -16.17 -5.50
C ILE B 44 31.20 -15.61 -5.94
N LYS B 45 31.41 -15.51 -7.25
CA LYS B 45 32.65 -14.99 -7.79
C LYS B 45 32.82 -13.51 -7.45
N VAL B 46 31.74 -12.76 -7.58
CA VAL B 46 31.76 -11.34 -7.26
C VAL B 46 32.03 -11.14 -5.77
N ILE B 47 31.36 -11.92 -4.94
CA ILE B 47 31.54 -11.83 -3.49
C ILE B 47 32.97 -12.17 -3.09
N ASN B 48 33.53 -13.22 -3.69
CA ASN B 48 34.90 -13.62 -3.36
C ASN B 48 35.89 -12.52 -3.71
N LYS B 49 35.60 -11.79 -4.78
CA LYS B 49 36.48 -10.71 -5.22
C LYS B 49 36.39 -9.53 -4.25
N ALA B 50 35.18 -9.22 -3.79
CA ALA B 50 35.01 -8.12 -2.85
C ALA B 50 35.70 -8.44 -1.52
N VAL B 51 35.60 -9.69 -1.09
CA VAL B 51 36.25 -10.09 0.16
C VAL B 51 37.77 -10.02 0.05
N GLU B 52 38.32 -10.47 -1.06
CA GLU B 52 39.77 -10.44 -1.24
C GLU B 52 40.27 -9.00 -1.42
N ARG B 53 39.52 -8.20 -2.17
CA ARG B 53 39.92 -6.82 -2.39
C ARG B 53 39.88 -6.02 -1.08
N ALA B 54 38.85 -6.26 -0.28
CA ALA B 54 38.68 -5.55 0.98
C ALA B 54 39.55 -6.04 2.13
N TYR B 55 39.70 -7.36 2.23
CA TYR B 55 40.45 -7.92 3.35
C TYR B 55 41.67 -8.75 2.97
N GLY B 56 41.98 -8.81 1.67
CA GLY B 56 43.12 -9.60 1.26
C GLY B 56 42.87 -11.06 1.60
N SER B 57 43.91 -11.75 2.08
CA SER B 57 43.76 -13.15 2.43
C SER B 57 43.43 -13.36 3.90
N SER B 58 43.24 -12.28 4.64
CA SER B 58 42.93 -12.42 6.06
C SER B 58 41.53 -12.99 6.26
N ARG B 59 40.71 -12.92 5.22
CA ARG B 59 39.34 -13.44 5.28
C ARG B 59 38.98 -14.19 4.01
N GLU B 60 38.22 -15.26 4.16
CA GLU B 60 37.80 -16.05 3.00
C GLU B 60 36.60 -16.93 3.33
N ILE B 61 35.54 -16.76 2.54
CA ILE B 61 34.34 -17.54 2.74
C ILE B 61 34.55 -18.96 2.22
N LYS B 62 34.28 -19.94 3.06
CA LYS B 62 34.42 -21.33 2.64
C LYS B 62 33.03 -21.79 2.23
N TRP B 63 32.72 -21.63 0.94
CA TRP B 63 31.39 -21.98 0.40
C TRP B 63 31.16 -23.47 0.36
N LEU B 64 29.94 -23.88 0.69
CA LEU B 64 29.57 -25.28 0.64
C LEU B 64 28.24 -25.36 -0.09
N GLU B 65 28.26 -25.91 -1.30
CA GLU B 65 27.00 -26.05 -2.03
C GLU B 65 26.18 -27.19 -1.46
N VAL B 66 24.88 -26.95 -1.29
CA VAL B 66 23.95 -27.98 -0.85
C VAL B 66 22.88 -28.01 -1.93
N TYR B 67 22.18 -29.14 -2.05
CA TYR B 67 21.17 -29.31 -3.08
C TYR B 67 19.73 -29.16 -2.61
N ALA B 68 18.93 -28.52 -3.45
CA ALA B 68 17.51 -28.31 -3.17
C ALA B 68 16.82 -28.02 -4.51
N GLY B 69 15.54 -28.35 -4.61
CA GLY B 69 14.81 -28.11 -5.84
C GLY B 69 15.04 -29.15 -6.93
N GLU B 70 14.94 -28.72 -8.19
CA GLU B 70 15.12 -29.60 -9.34
C GLU B 70 16.45 -30.35 -9.33
N LYS B 71 17.53 -29.64 -9.04
CA LYS B 71 18.83 -30.28 -9.01
C LYS B 71 18.79 -31.45 -8.02
N ALA B 72 18.17 -31.21 -6.87
CA ALA B 72 18.07 -32.24 -5.85
C ALA B 72 17.16 -33.38 -6.31
N GLU B 73 16.08 -33.04 -7.01
CA GLU B 73 15.15 -34.04 -7.51
C GLU B 73 15.81 -34.97 -8.52
N LYS B 74 16.65 -34.40 -9.38
CA LYS B 74 17.32 -35.19 -10.41
C LYS B 74 18.50 -36.00 -9.88
N LEU B 75 19.19 -35.48 -8.88
CA LEU B 75 20.34 -36.18 -8.31
C LEU B 75 19.99 -37.29 -7.33
N VAL B 76 19.09 -36.99 -6.40
CA VAL B 76 18.72 -37.96 -5.38
C VAL B 76 17.22 -38.16 -5.22
N ASN B 77 16.45 -37.69 -6.19
CA ASN B 77 15.01 -37.84 -6.17
C ASN B 77 14.32 -37.32 -4.92
N ASP B 78 14.79 -36.20 -4.40
CA ASP B 78 14.21 -35.55 -3.22
C ASP B 78 14.54 -34.06 -3.34
N ARG B 79 13.52 -33.21 -3.43
CA ARG B 79 13.74 -31.77 -3.60
C ARG B 79 14.33 -31.07 -2.37
N PHE B 80 14.31 -31.75 -1.23
CA PHE B 80 14.86 -31.18 -0.01
C PHE B 80 15.46 -32.32 0.81
N PRO B 81 16.55 -32.93 0.31
CA PRO B 81 17.21 -34.04 0.99
C PRO B 81 17.58 -33.82 2.46
N LYS B 82 17.55 -34.91 3.21
CA LYS B 82 17.86 -34.92 4.63
C LYS B 82 19.22 -34.32 4.93
N GLU B 83 20.23 -34.63 4.12
CA GLU B 83 21.56 -34.08 4.37
C GLU B 83 21.56 -32.57 4.18
N THR B 84 20.81 -32.08 3.20
CA THR B 84 20.76 -30.64 2.98
C THR B 84 20.21 -29.99 4.24
N GLN B 85 19.14 -30.57 4.78
CA GLN B 85 18.53 -30.04 6.01
C GLN B 85 19.55 -30.05 7.14
N GLU B 86 20.31 -31.14 7.25
CA GLU B 86 21.31 -31.24 8.30
C GLU B 86 22.37 -30.14 8.19
N MET B 87 22.82 -29.86 6.97
CA MET B 87 23.82 -28.81 6.79
C MET B 87 23.23 -27.44 7.14
N LEU B 88 21.95 -27.26 6.85
CA LEU B 88 21.27 -26.01 7.14
C LEU B 88 21.19 -25.77 8.64
N LEU B 89 20.80 -26.80 9.38
CA LEU B 89 20.67 -26.69 10.83
C LEU B 89 22.05 -26.56 11.48
N LYS B 90 23.09 -27.01 10.76
CA LYS B 90 24.46 -26.93 11.28
C LYS B 90 25.15 -25.58 11.03
N TYR B 91 25.15 -25.12 9.78
CA TYR B 91 25.82 -23.86 9.43
C TYR B 91 24.93 -22.62 9.45
N ARG B 92 23.61 -22.86 9.34
CA ARG B 92 22.58 -21.84 9.44
C ARG B 92 22.61 -20.55 8.61
N VAL B 93 23.51 -20.44 7.65
CA VAL B 93 23.59 -19.25 6.80
C VAL B 93 23.70 -19.69 5.36
N VAL B 94 22.72 -19.31 4.55
CA VAL B 94 22.69 -19.73 3.16
C VAL B 94 22.32 -18.62 2.18
N LEU B 95 23.01 -18.62 1.04
CA LEU B 95 22.73 -17.68 -0.05
C LEU B 95 22.01 -18.61 -1.03
N LYS B 96 20.73 -18.38 -1.27
CA LYS B 96 20.02 -19.27 -2.17
C LYS B 96 19.35 -18.65 -3.37
N GLY B 97 19.59 -19.26 -4.52
CA GLY B 97 19.00 -18.81 -5.76
C GLY B 97 17.50 -19.07 -5.76
N PRO B 98 16.81 -18.65 -6.82
CA PRO B 98 15.36 -18.83 -6.95
C PRO B 98 14.96 -20.29 -7.07
N LEU B 99 13.88 -20.66 -6.39
CA LEU B 99 13.35 -22.01 -6.42
C LEU B 99 11.90 -21.97 -6.88
N GLU B 100 11.48 -23.00 -7.62
CA GLU B 100 10.11 -23.09 -8.13
C GLU B 100 9.10 -23.31 -7.02
N SER B 109 6.91 -25.94 0.14
CA SER B 109 7.88 -24.98 -0.39
C SER B 109 9.20 -25.08 0.34
N VAL B 110 10.30 -25.04 -0.40
CA VAL B 110 11.62 -25.12 0.22
C VAL B 110 11.91 -23.83 0.98
N ASN B 111 11.49 -22.70 0.41
CA ASN B 111 11.71 -21.40 1.05
C ASN B 111 11.04 -21.35 2.42
N VAL B 112 9.79 -21.78 2.50
CA VAL B 112 9.08 -21.77 3.77
C VAL B 112 9.70 -22.76 4.74
N ALA B 113 10.10 -23.93 4.24
CA ALA B 113 10.71 -24.94 5.09
C ALA B 113 11.99 -24.40 5.73
N ILE B 114 12.84 -23.74 4.95
CA ILE B 114 14.09 -23.19 5.49
C ILE B 114 13.80 -22.13 6.56
N ARG B 115 12.84 -21.25 6.29
CA ARG B 115 12.47 -20.21 7.24
C ARG B 115 11.95 -20.80 8.54
N LEU B 116 11.17 -21.87 8.43
CA LEU B 116 10.63 -22.52 9.63
C LEU B 116 11.68 -23.28 10.44
N MET B 117 12.54 -24.03 9.77
CA MET B 117 13.54 -24.80 10.49
C MET B 117 14.63 -23.95 11.14
N LEU B 118 14.88 -22.77 10.58
CA LEU B 118 15.90 -21.88 11.16
C LEU B 118 15.22 -20.71 11.90
N ASP B 119 13.89 -20.75 11.98
CA ASP B 119 13.10 -19.71 12.63
C ASP B 119 13.54 -18.30 12.20
N LEU B 120 13.53 -18.06 10.89
CA LEU B 120 13.92 -16.77 10.31
C LEU B 120 12.67 -15.88 10.29
N TYR B 121 12.30 -15.39 11.47
CA TYR B 121 11.12 -14.57 11.67
C TYR B 121 11.11 -13.17 11.07
N ALA B 122 12.26 -12.68 10.61
CA ALA B 122 12.31 -11.33 10.05
C ALA B 122 12.66 -11.27 8.57
N ASN B 123 11.79 -10.61 7.81
CA ASN B 123 12.03 -10.44 6.39
C ASN B 123 12.63 -9.05 6.21
N ILE B 124 13.84 -9.00 5.64
CA ILE B 124 14.58 -7.76 5.44
C ILE B 124 14.57 -7.37 3.97
N ARG B 125 14.12 -6.15 3.68
CA ARG B 125 14.06 -5.68 2.30
C ARG B 125 14.74 -4.33 2.06
N PRO B 126 16.04 -4.35 1.73
CA PRO B 126 16.69 -3.06 1.49
C PRO B 126 16.39 -2.54 0.08
N VAL B 127 16.04 -1.26 -0.03
CA VAL B 127 15.75 -0.68 -1.33
C VAL B 127 16.47 0.66 -1.39
N LYS B 128 17.48 0.72 -2.25
CA LYS B 128 18.29 1.91 -2.39
C LYS B 128 18.43 2.29 -3.86
N TYR B 129 18.41 3.60 -4.11
CA TYR B 129 18.54 4.12 -5.47
C TYR B 129 19.83 3.58 -6.10
N ILE B 130 19.73 3.21 -7.37
CA ILE B 130 20.89 2.73 -8.09
C ILE B 130 21.11 3.68 -9.25
N GLU B 131 22.18 4.47 -9.18
CA GLU B 131 22.46 5.44 -10.23
C GLU B 131 22.54 4.78 -11.60
N GLY B 132 22.00 5.47 -12.60
CA GLY B 132 22.01 4.94 -13.95
C GLY B 132 20.72 4.23 -14.31
N LEU B 133 20.06 3.64 -13.31
CA LEU B 133 18.82 2.92 -13.52
C LEU B 133 17.60 3.83 -13.61
N GLU B 134 16.79 3.61 -14.63
CA GLU B 134 15.57 4.39 -14.82
C GLU B 134 14.58 4.08 -13.70
N SER B 135 13.88 5.11 -13.25
CA SER B 135 12.89 4.97 -12.20
C SER B 135 11.57 5.60 -12.61
N PRO B 136 10.45 5.08 -12.10
CA PRO B 136 9.16 5.67 -12.47
C PRO B 136 9.06 7.06 -11.82
N LEU B 137 9.92 7.29 -10.84
CA LEU B 137 9.99 8.55 -10.10
C LEU B 137 10.92 9.56 -10.76
N LYS B 138 10.53 10.83 -10.68
CA LYS B 138 11.35 11.89 -11.25
C LYS B 138 12.60 12.08 -10.39
N HIS B 139 12.46 11.87 -9.08
CA HIS B 139 13.58 12.05 -8.17
C HIS B 139 13.80 10.89 -7.18
N PRO B 140 14.39 9.78 -7.65
CA PRO B 140 14.66 8.60 -6.83
C PRO B 140 16.00 8.65 -6.11
N GLU B 141 16.78 9.70 -6.38
CA GLU B 141 18.11 9.88 -5.81
C GLU B 141 18.29 9.59 -4.33
N LYS B 142 17.36 10.03 -3.50
CA LYS B 142 17.50 9.81 -2.07
C LYS B 142 16.76 8.62 -1.50
N VAL B 143 16.41 7.64 -2.33
CA VAL B 143 15.74 6.46 -1.82
C VAL B 143 16.82 5.60 -1.18
N ASP B 144 16.72 5.41 0.13
CA ASP B 144 17.67 4.60 0.87
C ASP B 144 16.99 4.14 2.15
N MET B 145 16.26 3.05 2.04
CA MET B 145 15.55 2.53 3.19
C MET B 145 15.72 1.02 3.31
N ILE B 146 15.24 0.49 4.42
CA ILE B 146 15.33 -0.94 4.62
C ILE B 146 14.09 -1.30 5.42
N ILE B 147 13.30 -2.22 4.89
CA ILE B 147 12.10 -2.64 5.57
C ILE B 147 12.35 -3.86 6.44
N PHE B 148 11.96 -3.75 7.72
CA PHE B 148 12.09 -4.86 8.67
C PHE B 148 10.66 -5.35 8.86
N ARG B 149 10.31 -6.43 8.18
CA ARG B 149 8.96 -6.98 8.27
C ARG B 149 8.87 -8.20 9.16
N GLU B 150 8.03 -8.13 10.19
CA GLU B 150 7.83 -9.27 11.08
C GLU B 150 7.15 -10.25 10.12
N ASN B 151 7.68 -11.46 10.00
CA ASN B 151 7.14 -12.42 9.02
C ASN B 151 6.51 -13.71 9.54
N THR B 152 5.94 -13.71 10.74
CA THR B 152 5.30 -14.91 11.30
C THR B 152 3.99 -14.61 12.00
N ASP B 153 3.71 -13.33 12.24
CA ASP B 153 2.50 -12.90 12.94
C ASP B 153 1.42 -12.38 11.99
N ASP B 154 0.41 -11.70 12.54
CA ASP B 154 -0.65 -11.08 11.75
C ASP B 154 -1.59 -12.10 11.09
N LEU B 155 -2.43 -11.61 10.18
CA LEU B 155 -3.39 -12.45 9.47
C LEU B 155 -2.74 -13.58 8.69
N TYR B 156 -1.43 -13.48 8.47
CA TYR B 156 -0.73 -14.52 7.73
C TYR B 156 -0.54 -15.80 8.53
N ARG B 157 -1.08 -15.84 9.75
CA ARG B 157 -0.99 -17.05 10.55
C ARG B 157 -1.94 -18.09 9.91
N GLY B 158 -2.88 -17.60 9.12
CA GLY B 158 -3.82 -18.48 8.44
C GLY B 158 -5.02 -18.94 9.25
N ILE B 159 -5.37 -18.20 10.30
CA ILE B 159 -6.52 -18.57 11.09
C ILE B 159 -7.74 -17.91 10.46
N GLU B 160 -8.42 -18.66 9.61
CA GLU B 160 -9.58 -18.13 8.90
C GLU B 160 -10.50 -19.26 8.49
N TYR B 161 -11.79 -18.95 8.34
CA TYR B 161 -12.77 -19.97 7.98
C TYR B 161 -13.78 -19.48 6.96
N PRO B 162 -14.21 -20.36 6.03
CA PRO B 162 -15.19 -19.94 5.02
C PRO B 162 -16.52 -19.56 5.65
N PHE B 163 -17.24 -18.66 4.99
CA PHE B 163 -18.53 -18.17 5.49
C PHE B 163 -19.58 -19.25 5.74
N ASN B 164 -19.52 -20.33 4.98
CA ASN B 164 -20.51 -21.40 5.10
C ASN B 164 -19.99 -22.64 5.82
N SER B 165 -19.00 -22.46 6.69
CA SER B 165 -18.41 -23.58 7.42
C SER B 165 -18.98 -23.67 8.83
N GLU B 166 -18.86 -24.86 9.43
CA GLU B 166 -19.37 -25.05 10.78
C GLU B 166 -18.51 -24.23 11.75
N GLU B 167 -17.22 -24.10 11.44
CA GLU B 167 -16.32 -23.32 12.29
C GLU B 167 -16.78 -21.87 12.39
N ALA B 168 -17.04 -21.25 11.25
CA ALA B 168 -17.51 -19.87 11.22
C ALA B 168 -18.77 -19.73 12.05
N LYS B 169 -19.69 -20.68 11.91
CA LYS B 169 -20.94 -20.66 12.65
C LYS B 169 -20.68 -20.66 14.15
N LYS B 170 -19.75 -21.48 14.59
CA LYS B 170 -19.42 -21.54 16.01
C LYS B 170 -18.86 -20.21 16.47
N ILE B 171 -18.03 -19.58 15.64
CA ILE B 171 -17.44 -18.31 16.01
C ILE B 171 -18.53 -17.24 16.13
N ARG B 172 -19.41 -17.18 15.14
CA ARG B 172 -20.49 -16.20 15.16
C ARG B 172 -21.38 -16.38 16.40
N ASP B 173 -21.76 -17.62 16.69
CA ASP B 173 -22.59 -17.90 17.87
C ASP B 173 -21.88 -17.48 19.15
N PHE B 174 -20.58 -17.75 19.21
CA PHE B 174 -19.78 -17.38 20.37
C PHE B 174 -19.68 -15.86 20.56
N LEU B 175 -19.42 -15.15 19.47
CA LEU B 175 -19.29 -13.71 19.53
C LEU B 175 -20.60 -13.04 19.94
N ARG B 176 -21.72 -13.58 19.45
CA ARG B 176 -23.03 -13.03 19.78
C ARG B 176 -23.40 -13.23 21.24
N LYS B 177 -23.29 -14.46 21.72
CA LYS B 177 -23.64 -14.77 23.10
C LYS B 177 -22.63 -14.28 24.14
N GLU B 178 -21.37 -14.64 23.97
CA GLU B 178 -20.34 -14.27 24.92
C GLU B 178 -19.83 -12.83 24.87
N LEU B 179 -19.81 -12.23 23.68
CA LEU B 179 -19.31 -10.87 23.55
C LEU B 179 -20.35 -9.86 23.09
N LYS B 180 -21.55 -10.31 22.82
CA LYS B 180 -22.63 -9.43 22.36
C LYS B 180 -22.24 -8.70 21.08
N VAL B 181 -21.53 -9.40 20.20
CA VAL B 181 -21.11 -8.83 18.93
C VAL B 181 -22.10 -9.24 17.85
N GLU B 182 -22.57 -8.26 17.07
CA GLU B 182 -23.52 -8.54 16.00
C GLU B 182 -22.78 -8.84 14.68
N ILE B 183 -23.06 -10.00 14.10
CA ILE B 183 -22.42 -10.39 12.85
C ILE B 183 -23.35 -11.27 12.01
N GLU B 184 -23.60 -10.86 10.76
CA GLU B 184 -24.48 -11.61 9.86
C GLU B 184 -23.91 -12.99 9.53
N ASP B 185 -24.74 -13.85 8.97
CA ASP B 185 -24.33 -15.21 8.63
C ASP B 185 -23.54 -15.39 7.33
N ASP B 186 -23.68 -14.46 6.39
CA ASP B 186 -22.98 -14.58 5.10
C ASP B 186 -21.56 -14.05 5.16
N THR B 187 -20.89 -14.29 6.28
CA THR B 187 -19.55 -13.76 6.50
C THR B 187 -18.34 -14.70 6.61
N GLY B 188 -17.29 -14.35 5.88
CA GLY B 188 -16.05 -15.10 5.97
C GLY B 188 -15.38 -14.54 7.22
N ILE B 189 -14.63 -15.36 7.95
CA ILE B 189 -14.02 -14.88 9.18
C ILE B 189 -12.55 -15.20 9.35
N GLY B 190 -11.76 -14.16 9.61
CA GLY B 190 -10.35 -14.34 9.82
C GLY B 190 -9.95 -13.76 11.16
N ILE B 191 -8.99 -14.39 11.83
CA ILE B 191 -8.55 -13.89 13.13
C ILE B 191 -7.18 -13.22 12.98
N LYS B 192 -7.11 -11.93 13.28
CA LYS B 192 -5.85 -11.20 13.19
C LYS B 192 -5.23 -11.26 14.58
N VAL B 193 -4.03 -11.82 14.67
CA VAL B 193 -3.32 -11.94 15.93
C VAL B 193 -2.04 -11.12 15.92
N MET B 194 -1.76 -10.42 17.03
CA MET B 194 -0.56 -9.61 17.16
C MET B 194 0.09 -9.96 18.51
N SER B 195 1.26 -10.58 18.44
CA SER B 195 2.00 -10.99 19.63
C SER B 195 3.01 -9.98 20.15
N LYS B 196 2.99 -9.76 21.46
CA LYS B 196 3.92 -8.82 22.08
C LYS B 196 5.34 -9.32 21.87
N TYR B 197 5.57 -10.60 22.15
CA TYR B 197 6.89 -11.21 22.00
C TYR B 197 7.41 -11.10 20.58
N LYS B 198 6.57 -11.43 19.60
CA LYS B 198 6.99 -11.35 18.21
C LYS B 198 7.30 -9.90 17.83
N THR B 199 6.53 -8.97 18.38
CA THR B 199 6.76 -7.57 18.08
C THR B 199 8.08 -7.09 18.68
N GLN B 200 8.37 -7.52 19.90
CA GLN B 200 9.62 -7.14 20.56
C GLN B 200 10.82 -7.71 19.83
N ARG B 201 10.72 -8.96 19.37
CA ARG B 201 11.82 -9.62 18.66
C ARG B 201 12.25 -8.85 17.43
N ILE B 202 11.29 -8.49 16.58
CA ILE B 202 11.61 -7.76 15.37
C ILE B 202 12.10 -6.36 15.70
N THR B 203 11.51 -5.73 16.72
CA THR B 203 11.94 -4.39 17.09
C THR B 203 13.40 -4.37 17.54
N ARG B 204 13.79 -5.36 18.33
CA ARG B 204 15.17 -5.44 18.80
C ARG B 204 16.11 -5.60 17.63
N LEU B 205 15.74 -6.48 16.71
CA LEU B 205 16.57 -6.72 15.54
C LEU B 205 16.77 -5.45 14.72
N ALA B 206 15.71 -4.66 14.61
CA ALA B 206 15.78 -3.42 13.83
C ALA B 206 16.66 -2.36 14.48
N ILE B 207 16.54 -2.18 15.79
CA ILE B 207 17.34 -1.19 16.49
C ILE B 207 18.81 -1.62 16.51
N GLN B 208 19.06 -2.90 16.77
CA GLN B 208 20.43 -3.39 16.79
C GLN B 208 21.10 -3.18 15.44
N TYR B 209 20.34 -3.37 14.36
CA TYR B 209 20.88 -3.16 13.02
C TYR B 209 21.20 -1.69 12.80
N ALA B 210 20.35 -0.81 13.33
CA ALA B 210 20.56 0.63 13.17
C ALA B 210 21.85 1.05 13.89
N ILE B 211 22.06 0.51 15.08
CA ILE B 211 23.24 0.82 15.86
C ILE B 211 24.49 0.35 15.13
N GLU B 212 24.49 -0.91 14.73
CA GLU B 212 25.63 -1.51 14.04
C GLU B 212 25.95 -0.94 12.67
N HIS B 213 24.94 -0.47 11.94
CA HIS B 213 25.20 0.09 10.62
C HIS B 213 25.03 1.60 10.49
N LYS B 214 25.12 2.27 11.63
CA LYS B 214 25.03 3.73 11.68
C LYS B 214 23.76 4.31 11.06
N ARG B 215 22.68 3.56 11.06
CA ARG B 215 21.42 4.05 10.53
C ARG B 215 20.90 5.10 11.51
N LYS B 216 20.21 6.12 11.01
CA LYS B 216 19.74 7.18 11.89
C LYS B 216 18.28 7.21 12.34
N LYS B 217 17.41 6.46 11.68
CA LYS B 217 15.99 6.47 12.07
C LYS B 217 15.26 5.15 11.85
N VAL B 218 14.28 4.88 12.70
CA VAL B 218 13.45 3.68 12.63
C VAL B 218 12.01 4.20 12.73
N THR B 219 11.20 3.90 11.73
CA THR B 219 9.81 4.33 11.70
C THR B 219 8.83 3.16 11.79
N ILE B 220 7.94 3.19 12.77
CA ILE B 220 6.96 2.14 12.96
C ILE B 220 5.73 2.40 12.06
N MET B 221 5.45 1.46 11.16
CA MET B 221 4.31 1.57 10.24
C MET B 221 3.12 0.85 10.85
N HIS B 222 2.03 1.57 11.07
CA HIS B 222 0.85 0.96 11.71
C HIS B 222 -0.44 1.71 11.42
N LYS B 223 -1.56 1.04 11.66
CA LYS B 223 -2.87 1.64 11.50
C LYS B 223 -3.48 1.61 12.90
N GLY B 224 -2.68 2.00 13.88
CA GLY B 224 -3.11 1.98 15.27
C GLY B 224 -4.29 2.86 15.66
N ASN B 225 -4.67 3.76 14.75
CA ASN B 225 -5.79 4.66 15.01
C ASN B 225 -7.13 3.93 14.89
N VAL B 226 -7.15 2.83 14.14
CA VAL B 226 -8.38 2.08 13.97
C VAL B 226 -8.24 0.63 14.43
N MET B 227 -7.05 0.06 14.23
CA MET B 227 -6.76 -1.30 14.66
C MET B 227 -5.95 -1.11 15.95
N LYS B 228 -6.64 -0.58 16.95
CA LYS B 228 -6.08 -0.25 18.26
C LYS B 228 -5.34 -1.34 19.03
N TYR B 229 -5.91 -2.53 19.08
CA TYR B 229 -5.30 -3.59 19.88
C TYR B 229 -4.40 -4.57 19.16
N THR B 230 -4.23 -4.40 17.86
CA THR B 230 -3.33 -5.27 17.12
C THR B 230 -2.17 -4.39 16.66
N GLU B 231 -2.40 -3.56 15.66
CA GLU B 231 -1.33 -2.70 15.17
C GLU B 231 -1.01 -1.55 16.12
N GLY B 232 -2.00 -1.12 16.89
CA GLY B 232 -1.78 -0.07 17.86
C GLY B 232 -0.90 -0.63 18.96
N ALA B 233 -1.11 -1.91 19.27
CA ALA B 233 -0.32 -2.59 20.30
C ALA B 233 1.10 -2.78 19.78
N PHE B 234 1.22 -3.08 18.48
CA PHE B 234 2.52 -3.27 17.85
C PHE B 234 3.31 -1.98 18.10
N ARG B 235 2.70 -0.84 17.81
CA ARG B 235 3.36 0.45 18.02
C ARG B 235 3.80 0.62 19.48
N GLU B 236 2.87 0.39 20.40
CA GLU B 236 3.14 0.52 21.83
C GLU B 236 4.29 -0.38 22.28
N TRP B 237 4.21 -1.66 21.92
CA TRP B 237 5.24 -2.62 22.31
C TRP B 237 6.61 -2.28 21.72
N ALA B 238 6.61 -1.70 20.53
CA ALA B 238 7.85 -1.33 19.86
C ALA B 238 8.54 -0.19 20.61
N TYR B 239 7.78 0.83 21.00
CA TYR B 239 8.35 1.95 21.74
C TYR B 239 8.82 1.44 23.09
N GLU B 240 7.99 0.60 23.70
CA GLU B 240 8.27 0.04 25.02
C GLU B 240 9.59 -0.71 25.14
N VAL B 241 9.90 -1.58 24.19
CA VAL B 241 11.13 -2.35 24.25
C VAL B 241 12.33 -1.48 23.87
N ALA B 242 12.08 -0.47 23.04
CA ALA B 242 13.14 0.43 22.60
C ALA B 242 13.60 1.31 23.75
N LEU B 243 12.64 1.85 24.49
CA LEU B 243 12.93 2.73 25.63
C LEU B 243 13.45 1.98 26.85
N LYS B 244 13.08 0.71 26.97
CA LYS B 244 13.50 -0.09 28.11
C LYS B 244 14.83 -0.82 27.90
N GLU B 245 15.16 -1.12 26.65
CA GLU B 245 16.40 -1.85 26.36
C GLU B 245 17.45 -1.09 25.55
N TYR B 246 17.05 0.01 24.91
CA TYR B 246 18.00 0.80 24.13
C TYR B 246 17.86 2.28 24.45
N ARG B 247 17.58 2.56 25.72
CA ARG B 247 17.40 3.92 26.21
C ARG B 247 18.41 4.96 25.71
N ASP B 248 19.67 4.83 26.10
CA ASP B 248 20.66 5.79 25.67
C ASP B 248 21.15 5.65 24.24
N PHE B 249 20.43 4.86 23.44
CA PHE B 249 20.78 4.66 22.04
C PHE B 249 19.77 5.33 21.12
N ILE B 250 18.52 5.41 21.57
CA ILE B 250 17.47 6.02 20.76
C ILE B 250 16.82 7.25 21.37
N VAL B 251 16.14 8.01 20.52
CA VAL B 251 15.43 9.22 20.92
C VAL B 251 14.13 9.30 20.12
N THR B 252 13.00 9.34 20.82
CA THR B 252 11.71 9.39 20.15
C THR B 252 11.42 10.76 19.56
N GLU B 253 10.61 10.77 18.52
CA GLU B 253 10.23 12.00 17.84
C GLU B 253 9.44 12.90 18.79
N GLU B 254 8.85 12.29 19.82
CA GLU B 254 8.08 13.04 20.81
C GLU B 254 9.02 13.72 21.79
N GLU B 255 10.31 13.42 21.67
CA GLU B 255 11.32 14.00 22.55
C GLU B 255 12.10 15.09 21.81
N ILE B 256 12.34 14.88 20.53
CA ILE B 256 13.06 15.86 19.72
C ILE B 256 12.34 17.20 19.78
N ASN B 257 11.12 17.23 19.26
CA ASN B 257 10.32 18.45 19.27
C ASN B 257 9.72 18.68 20.66
N GLN B 258 10.49 18.34 21.67
CA GLN B 258 10.08 18.51 23.06
C GLN B 258 11.21 19.16 23.85
N GLY B 259 12.44 18.97 23.37
CA GLY B 259 13.59 19.54 24.04
C GLY B 259 14.81 18.64 24.01
N LYS B 260 14.59 17.34 24.14
CA LYS B 260 15.67 16.36 24.14
C LYS B 260 16.58 16.46 22.93
N PRO B 261 17.88 16.15 23.11
CA PRO B 261 18.90 16.19 22.05
C PRO B 261 18.97 14.87 21.28
N ASP B 262 19.04 14.98 19.96
CA ASP B 262 19.11 13.80 19.09
C ASP B 262 20.49 13.67 18.48
N GLN B 263 21.44 14.43 18.99
CA GLN B 263 22.81 14.40 18.49
C GLN B 263 23.41 13.02 18.73
N GLY B 264 23.82 12.36 17.65
CA GLY B 264 24.43 11.05 17.76
C GLY B 264 23.50 9.97 18.30
N LYS B 265 22.21 10.09 18.01
CA LYS B 265 21.24 9.11 18.47
C LYS B 265 20.25 8.73 17.38
N ILE B 266 19.71 7.52 17.48
CA ILE B 266 18.76 7.03 16.49
C ILE B 266 17.35 7.52 16.82
N ILE B 267 16.72 8.13 15.83
CA ILE B 267 15.36 8.65 15.98
C ILE B 267 14.33 7.55 15.77
N LEU B 268 13.46 7.37 16.77
CA LEU B 268 12.40 6.37 16.71
C LEU B 268 11.04 7.06 16.67
N ASN B 269 10.38 7.02 15.52
CA ASN B 269 9.06 7.62 15.38
C ASN B 269 8.06 6.62 14.82
N ASP B 270 6.86 7.09 14.49
CA ASP B 270 5.82 6.22 13.95
C ASP B 270 4.90 6.98 13.00
N ARG B 271 4.38 6.29 12.00
CA ARG B 271 3.47 6.90 11.02
C ARG B 271 2.29 5.99 10.73
N ILE B 272 1.16 6.59 10.39
CA ILE B 272 -0.04 5.85 10.07
C ILE B 272 0.11 5.21 8.68
N ALA B 273 -0.22 3.93 8.58
CA ALA B 273 -0.11 3.18 7.33
C ALA B 273 -0.55 3.93 6.08
N ASP B 274 -1.75 4.49 6.10
CA ASP B 274 -2.27 5.23 4.95
C ASP B 274 -1.37 6.38 4.53
N ASN B 275 -0.79 7.07 5.50
CA ASN B 275 0.10 8.19 5.22
C ASN B 275 1.38 7.70 4.55
N MET B 276 1.87 6.55 4.98
CA MET B 276 3.09 5.98 4.42
C MET B 276 2.97 5.56 2.95
N PHE B 277 1.83 5.00 2.58
CA PHE B 277 1.63 4.60 1.18
C PHE B 277 1.63 5.84 0.31
N GLN B 278 1.42 6.98 0.94
CA GLN B 278 1.40 8.27 0.25
C GLN B 278 2.80 8.84 0.19
N GLN B 279 3.42 9.01 1.35
CA GLN B 279 4.78 9.57 1.42
C GLN B 279 5.88 8.77 0.73
N ILE B 280 5.76 7.44 0.68
CA ILE B 280 6.78 6.63 0.01
C ILE B 280 6.92 7.04 -1.45
N ILE B 281 5.82 7.51 -2.03
CA ILE B 281 5.79 7.95 -3.42
C ILE B 281 6.19 9.41 -3.57
N ILE B 282 5.61 10.28 -2.73
CA ILE B 282 5.90 11.71 -2.78
C ILE B 282 7.25 12.11 -2.22
N ARG B 283 7.63 11.55 -1.08
CA ARG B 283 8.93 11.87 -0.49
C ARG B 283 9.58 10.68 0.22
N PRO B 284 9.95 9.65 -0.55
CA PRO B 284 10.58 8.45 0.01
C PRO B 284 11.84 8.69 0.85
N GLU B 285 12.46 9.85 0.67
CA GLU B 285 13.67 10.17 1.42
C GLU B 285 13.44 10.34 2.93
N GLU B 286 12.18 10.42 3.33
CA GLU B 286 11.86 10.58 4.74
C GLU B 286 12.15 9.31 5.54
N TYR B 287 12.15 8.17 4.86
CA TYR B 287 12.37 6.90 5.54
C TYR B 287 13.78 6.32 5.51
N ASP B 288 14.15 5.69 6.62
CA ASP B 288 15.44 5.05 6.76
C ASP B 288 15.09 3.57 6.99
N ILE B 289 14.87 3.21 8.25
CA ILE B 289 14.47 1.85 8.57
C ILE B 289 12.98 1.87 8.84
N ILE B 290 12.24 0.96 8.20
CA ILE B 290 10.80 0.87 8.41
C ILE B 290 10.51 -0.41 9.18
N LEU B 291 9.83 -0.25 10.32
CA LEU B 291 9.47 -1.38 11.19
C LEU B 291 7.97 -1.58 11.04
N ALA B 292 7.56 -2.77 10.61
CA ALA B 292 6.14 -3.00 10.42
C ALA B 292 5.68 -4.44 10.60
N PRO B 293 4.38 -4.64 10.89
CA PRO B 293 3.83 -5.98 11.07
C PRO B 293 3.81 -6.70 9.72
N ASN B 294 3.46 -7.98 9.76
CA ASN B 294 3.45 -8.82 8.56
C ASN B 294 2.74 -8.30 7.30
N VAL B 295 1.45 -8.00 7.42
CA VAL B 295 0.69 -7.52 6.26
C VAL B 295 1.21 -6.18 5.73
N ASN B 296 1.30 -5.17 6.59
CA ASN B 296 1.80 -3.84 6.17
C ASN B 296 3.19 -3.91 5.55
N GLY B 297 4.08 -4.72 6.15
CA GLY B 297 5.42 -4.84 5.63
C GLY B 297 5.39 -5.47 4.24
N ASP B 298 4.44 -6.37 4.03
CA ASP B 298 4.29 -7.02 2.74
C ASP B 298 3.97 -5.96 1.69
N TYR B 299 2.91 -5.18 1.94
CA TYR B 299 2.50 -4.15 1.00
C TYR B 299 3.49 -2.98 0.82
N ILE B 300 4.08 -2.52 1.91
CA ILE B 300 5.01 -1.40 1.80
C ILE B 300 6.27 -1.83 1.04
N SER B 301 6.64 -3.11 1.15
CA SER B 301 7.81 -3.64 0.45
C SER B 301 7.60 -3.58 -1.06
N ASP B 302 6.38 -3.91 -1.48
CA ASP B 302 6.05 -3.92 -2.91
C ASP B 302 6.11 -2.51 -3.49
N ALA B 303 5.57 -1.56 -2.75
CA ALA B 303 5.55 -0.17 -3.19
C ALA B 303 6.98 0.40 -3.21
N ALA B 304 7.72 0.17 -2.13
CA ALA B 304 9.09 0.66 -2.03
C ALA B 304 9.96 0.14 -3.17
N GLY B 305 9.89 -1.16 -3.43
CA GLY B 305 10.68 -1.74 -4.50
C GLY B 305 10.37 -1.16 -5.87
N ALA B 306 9.12 -0.76 -6.09
CA ALA B 306 8.73 -0.21 -7.37
C ALA B 306 9.28 1.19 -7.60
N LEU B 307 9.71 1.85 -6.52
CA LEU B 307 10.27 3.21 -6.60
C LEU B 307 11.51 3.22 -7.48
N ILE B 308 12.22 2.10 -7.53
CA ILE B 308 13.40 2.02 -8.36
C ILE B 308 13.01 1.18 -9.59
N GLY B 309 13.88 1.14 -10.58
CA GLY B 309 13.57 0.37 -11.76
C GLY B 309 14.06 -1.05 -11.64
N ASN B 310 13.27 -1.99 -12.15
CA ASN B 310 13.64 -3.39 -12.13
C ASN B 310 13.81 -3.91 -10.70
N ILE B 311 12.74 -4.50 -10.18
CA ILE B 311 12.73 -5.06 -8.84
C ILE B 311 13.57 -6.33 -8.83
N GLY B 312 13.86 -6.83 -10.02
CA GLY B 312 14.66 -8.04 -10.15
C GLY B 312 16.11 -7.78 -9.80
N MET B 313 16.44 -6.53 -9.48
CA MET B 313 17.81 -6.19 -9.13
C MET B 313 17.97 -5.99 -7.63
N LEU B 314 16.94 -6.31 -6.88
CA LEU B 314 16.97 -6.17 -5.43
C LEU B 314 17.21 -7.51 -4.76
N GLY B 315 17.81 -7.46 -3.58
CA GLY B 315 18.06 -8.67 -2.81
C GLY B 315 17.30 -8.57 -1.51
N GLY B 316 17.23 -9.66 -0.77
CA GLY B 316 16.51 -9.64 0.49
C GLY B 316 16.97 -10.75 1.40
N ALA B 317 16.37 -10.87 2.57
CA ALA B 317 16.77 -11.92 3.49
C ALA B 317 15.73 -12.21 4.54
N ASN B 318 15.86 -13.37 5.17
CA ASN B 318 14.99 -13.76 6.27
C ASN B 318 16.00 -14.07 7.37
N ILE B 319 15.86 -13.36 8.49
CA ILE B 319 16.79 -13.51 9.60
C ILE B 319 16.14 -14.01 10.87
N GLY B 320 16.89 -14.81 11.61
CA GLY B 320 16.42 -15.34 12.88
C GLY B 320 17.46 -15.02 13.94
N ASP B 321 17.28 -15.50 15.16
CA ASP B 321 18.25 -15.22 16.21
C ASP B 321 19.58 -15.94 15.96
N GLU B 322 19.57 -16.98 15.14
CA GLU B 322 20.80 -17.68 14.84
C GLU B 322 20.84 -18.27 13.44
N GLY B 323 20.75 -17.40 12.45
CA GLY B 323 20.79 -17.85 11.07
C GLY B 323 20.19 -16.84 10.12
N GLY B 324 20.42 -17.06 8.83
CA GLY B 324 19.89 -16.18 7.81
C GLY B 324 19.91 -16.80 6.43
N MET B 325 18.90 -16.48 5.63
CA MET B 325 18.79 -16.97 4.25
C MET B 325 18.70 -15.72 3.38
N PHE B 326 19.60 -15.62 2.40
CA PHE B 326 19.63 -14.46 1.51
C PHE B 326 19.28 -14.84 0.09
N GLU B 327 18.41 -14.05 -0.53
CA GLU B 327 17.96 -14.36 -1.88
C GLU B 327 17.61 -13.11 -2.69
N ALA B 328 17.56 -13.26 -4.00
CA ALA B 328 17.21 -12.16 -4.89
C ALA B 328 15.68 -12.08 -4.89
N ILE B 329 15.15 -10.90 -5.18
CA ILE B 329 13.71 -10.72 -5.21
C ILE B 329 13.19 -10.92 -6.64
N HIS B 330 13.18 -12.17 -7.08
CA HIS B 330 12.69 -12.52 -8.40
C HIS B 330 12.55 -14.03 -8.52
N GLY B 331 11.99 -14.49 -9.64
CA GLY B 331 11.76 -15.91 -9.84
C GLY B 331 12.86 -16.63 -10.60
N THR B 332 12.55 -17.86 -11.03
CA THR B 332 13.50 -18.69 -11.75
C THR B 332 13.73 -18.30 -13.20
N ALA B 333 12.77 -17.58 -13.78
CA ALA B 333 12.86 -17.17 -15.18
C ALA B 333 13.32 -18.33 -16.06
N PRO B 334 12.56 -19.44 -16.06
CA PRO B 334 12.94 -20.60 -16.87
C PRO B 334 13.19 -20.31 -18.35
N LYS B 335 12.69 -19.17 -18.84
CA LYS B 335 12.86 -18.81 -20.25
C LYS B 335 14.30 -18.47 -20.63
N TYR B 336 15.07 -17.95 -19.67
CA TYR B 336 16.46 -17.57 -19.93
C TYR B 336 17.48 -18.52 -19.33
N ALA B 337 16.99 -19.59 -18.72
CA ALA B 337 17.87 -20.57 -18.08
C ALA B 337 18.96 -21.10 -19.03
N GLY B 338 20.20 -21.04 -18.58
CA GLY B 338 21.32 -21.54 -19.37
C GLY B 338 21.68 -20.72 -20.61
N LYS B 339 21.04 -19.57 -20.78
CA LYS B 339 21.31 -18.73 -21.94
C LYS B 339 22.33 -17.63 -21.66
N ASN B 340 22.82 -17.59 -20.43
CA ASN B 340 23.80 -16.58 -20.04
C ASN B 340 23.28 -15.17 -20.31
N VAL B 341 22.00 -14.95 -20.03
CA VAL B 341 21.38 -13.65 -20.25
C VAL B 341 20.86 -12.98 -18.97
N ALA B 342 20.41 -13.79 -18.03
CA ALA B 342 19.85 -13.28 -16.76
C ALA B 342 20.74 -12.27 -16.05
N ASN B 343 20.10 -11.31 -15.37
CA ASN B 343 20.79 -10.26 -14.61
C ASN B 343 21.06 -10.81 -13.20
N PRO B 344 22.35 -10.98 -12.84
CA PRO B 344 22.72 -11.51 -11.52
C PRO B 344 22.74 -10.48 -10.40
N THR B 345 22.44 -9.22 -10.73
CA THR B 345 22.46 -8.16 -9.74
C THR B 345 21.65 -8.45 -8.47
N GLY B 346 20.45 -8.99 -8.63
CA GLY B 346 19.61 -9.29 -7.47
C GLY B 346 20.25 -10.24 -6.47
N ILE B 347 20.75 -11.38 -6.95
CA ILE B 347 21.37 -12.34 -6.05
C ILE B 347 22.69 -11.76 -5.52
N ILE B 348 23.33 -10.89 -6.30
CA ILE B 348 24.57 -10.27 -5.82
C ILE B 348 24.21 -9.33 -4.65
N LYS B 349 23.07 -8.63 -4.78
CA LYS B 349 22.62 -7.73 -3.71
C LYS B 349 22.25 -8.51 -2.45
N ALA B 350 21.82 -9.76 -2.63
CA ALA B 350 21.49 -10.58 -1.48
C ALA B 350 22.83 -10.86 -0.79
N GLY B 351 23.87 -11.06 -1.61
CA GLY B 351 25.20 -11.30 -1.06
C GLY B 351 25.73 -10.07 -0.36
N GLU B 352 25.40 -8.89 -0.89
CA GLU B 352 25.83 -7.65 -0.27
C GLU B 352 25.19 -7.56 1.12
N LEU B 353 23.90 -7.85 1.19
CA LEU B 353 23.17 -7.81 2.44
C LEU B 353 23.74 -8.82 3.42
N MET B 354 24.08 -10.00 2.91
CA MET B 354 24.67 -11.05 3.74
C MET B 354 25.99 -10.54 4.33
N LEU B 355 26.80 -9.89 3.49
CA LEU B 355 28.07 -9.32 3.93
C LEU B 355 27.87 -8.32 5.06
N ARG B 356 26.83 -7.51 4.94
CA ARG B 356 26.54 -6.52 5.96
C ARG B 356 26.13 -7.16 7.29
N TRP B 357 25.34 -8.22 7.22
CA TRP B 357 24.90 -8.89 8.44
C TRP B 357 26.07 -9.57 9.13
N MET B 358 27.07 -9.95 8.34
CA MET B 358 28.27 -10.59 8.87
C MET B 358 29.21 -9.56 9.48
N GLY B 359 28.92 -8.28 9.22
CA GLY B 359 29.77 -7.23 9.74
C GLY B 359 30.90 -6.91 8.78
N TRP B 360 30.88 -7.54 7.60
CA TRP B 360 31.91 -7.29 6.60
C TRP B 360 31.44 -6.16 5.67
N ASN B 361 31.24 -4.99 6.25
CA ASN B 361 30.75 -3.85 5.49
C ASN B 361 31.64 -3.36 4.36
N GLU B 362 32.96 -3.46 4.55
CA GLU B 362 33.89 -3.03 3.52
C GLU B 362 33.70 -3.81 2.23
N ALA B 363 33.56 -5.12 2.34
CA ALA B 363 33.36 -5.95 1.16
C ALA B 363 32.01 -5.63 0.54
N ALA B 364 31.02 -5.36 1.38
CA ALA B 364 29.67 -5.05 0.91
C ALA B 364 29.65 -3.72 0.16
N ASP B 365 30.36 -2.73 0.70
CA ASP B 365 30.41 -1.42 0.06
C ASP B 365 31.09 -1.46 -1.30
N LEU B 366 32.07 -2.35 -1.47
CA LEU B 366 32.76 -2.50 -2.75
C LEU B 366 31.83 -3.01 -3.84
N ILE B 367 30.93 -3.92 -3.47
CA ILE B 367 29.95 -4.48 -4.41
C ILE B 367 28.94 -3.39 -4.79
N GLU B 368 28.43 -2.70 -3.79
CA GLU B 368 27.47 -1.62 -4.01
C GLU B 368 28.07 -0.59 -4.96
N LYS B 369 29.33 -0.26 -4.73
CA LYS B 369 30.05 0.72 -5.53
C LYS B 369 30.28 0.25 -6.97
N ALA B 370 30.74 -0.99 -7.12
CA ALA B 370 31.01 -1.54 -8.43
C ALA B 370 29.76 -1.61 -9.29
N ILE B 371 28.63 -1.91 -8.67
CA ILE B 371 27.37 -2.00 -9.40
C ILE B 371 26.96 -0.60 -9.87
N ASN B 372 27.04 0.38 -8.98
CA ASN B 372 26.69 1.74 -9.36
C ASN B 372 27.51 2.20 -10.55
N MET B 373 28.81 1.92 -10.51
CA MET B 373 29.71 2.31 -11.60
C MET B 373 29.43 1.56 -12.89
N ALA B 374 29.13 0.28 -12.79
CA ALA B 374 28.84 -0.53 -13.97
C ALA B 374 27.56 -0.05 -14.66
N ILE B 375 26.53 0.21 -13.87
CA ILE B 375 25.25 0.66 -14.42
C ILE B 375 25.30 2.09 -14.95
N ARG B 376 26.07 2.96 -14.30
CA ARG B 376 26.19 4.33 -14.75
C ARG B 376 27.00 4.33 -16.04
N ASP B 377 27.88 3.34 -16.17
CA ASP B 377 28.75 3.20 -17.33
C ASP B 377 28.14 2.34 -18.43
N LYS B 378 26.84 2.08 -18.33
CA LYS B 378 26.12 1.28 -19.32
C LYS B 378 26.66 -0.14 -19.56
N LYS B 379 27.34 -0.71 -18.58
CA LYS B 379 27.86 -2.07 -18.72
C LYS B 379 26.85 -2.95 -18.00
N VAL B 380 25.75 -3.26 -18.68
CA VAL B 380 24.68 -4.03 -18.08
C VAL B 380 24.16 -5.22 -18.90
N THR B 381 23.27 -5.99 -18.26
CA THR B 381 22.67 -7.15 -18.90
C THR B 381 21.49 -6.70 -19.76
N GLN B 382 20.97 -7.60 -20.58
CA GLN B 382 19.87 -7.30 -21.51
C GLN B 382 18.64 -6.59 -20.93
N ASP B 383 18.15 -7.07 -19.78
CA ASP B 383 16.98 -6.49 -19.13
C ASP B 383 17.06 -4.96 -18.98
N ILE B 384 18.27 -4.44 -18.89
CA ILE B 384 18.47 -3.00 -18.75
C ILE B 384 18.88 -2.39 -20.09
N ALA B 385 19.84 -3.02 -20.76
CA ALA B 385 20.35 -2.55 -22.05
C ALA B 385 19.23 -2.26 -23.04
N ARG B 386 18.19 -3.10 -23.05
CA ARG B 386 17.06 -2.94 -23.97
C ARG B 386 16.39 -1.57 -23.85
N PHE B 387 16.66 -0.87 -22.76
CA PHE B 387 16.06 0.44 -22.55
C PHE B 387 17.04 1.60 -22.68
N MET B 388 18.32 1.37 -22.42
CA MET B 388 19.30 2.43 -22.56
C MET B 388 20.04 2.31 -23.89
N GLY B 389 19.39 1.65 -24.85
CA GLY B 389 19.95 1.47 -26.16
C GLY B 389 21.45 1.24 -26.26
N VAL B 390 21.91 0.09 -25.77
CA VAL B 390 23.33 -0.27 -25.82
C VAL B 390 23.44 -1.80 -25.89
N LYS B 391 24.60 -2.30 -26.28
CA LYS B 391 24.80 -3.74 -26.37
C LYS B 391 24.86 -4.34 -24.96
N ALA B 392 24.10 -5.42 -24.74
CA ALA B 392 24.06 -6.05 -23.43
C ALA B 392 25.23 -7.00 -23.19
N LEU B 393 25.58 -7.15 -21.91
CA LEU B 393 26.65 -8.07 -21.52
C LEU B 393 25.96 -9.34 -21.03
N GLY B 394 26.66 -10.46 -21.14
CA GLY B 394 26.10 -11.71 -20.67
C GLY B 394 26.18 -11.74 -19.15
N THR B 395 25.58 -12.75 -18.54
CA THR B 395 25.60 -12.88 -17.08
C THR B 395 27.04 -12.95 -16.58
N LYS B 396 27.82 -13.88 -17.15
CA LYS B 396 29.22 -14.06 -16.77
C LYS B 396 30.08 -12.83 -17.05
N GLU B 397 29.88 -12.23 -18.22
CA GLU B 397 30.65 -11.05 -18.61
C GLU B 397 30.34 -9.86 -17.70
N TYR B 398 29.07 -9.71 -17.32
CA TYR B 398 28.68 -8.61 -16.46
C TYR B 398 29.31 -8.79 -15.08
N ALA B 399 29.33 -10.02 -14.59
CA ALA B 399 29.93 -10.32 -13.29
C ALA B 399 31.42 -10.03 -13.35
N ASP B 400 32.05 -10.35 -14.49
CA ASP B 400 33.47 -10.11 -14.64
C ASP B 400 33.78 -8.62 -14.69
N GLU B 401 32.86 -7.83 -15.25
CA GLU B 401 33.06 -6.39 -15.34
C GLU B 401 33.04 -5.81 -13.92
N LEU B 402 32.15 -6.33 -13.08
CA LEU B 402 32.05 -5.86 -11.70
C LEU B 402 33.37 -6.20 -10.97
N ILE B 403 33.92 -7.35 -11.32
CA ILE B 403 35.17 -7.81 -10.73
C ILE B 403 36.36 -6.93 -11.12
N LYS B 404 36.47 -6.59 -12.40
CA LYS B 404 37.58 -5.74 -12.84
C LYS B 404 37.45 -4.36 -12.23
N ILE B 405 36.21 -3.91 -12.05
CA ILE B 405 35.94 -2.60 -11.46
C ILE B 405 36.38 -2.58 -9.99
N MET B 406 36.04 -3.62 -9.24
CA MET B 406 36.41 -3.68 -7.83
C MET B 406 37.91 -3.71 -7.66
N ASP B 407 38.61 -4.17 -8.69
CA ASP B 407 40.05 -4.27 -8.65
C ASP B 407 40.71 -2.90 -8.81
N THR B 408 39.90 -1.86 -9.04
CA THR B 408 40.42 -0.51 -9.21
C THR B 408 39.79 0.52 -8.26
N ILE B 409 39.11 0.04 -7.23
CA ILE B 409 38.48 0.93 -6.26
C ILE B 409 38.68 0.47 -4.83
#